data_8Q6R
#
_entry.id   8Q6R
#
_cell.length_a   79.210
_cell.length_b   63.701
_cell.length_c   119.249
_cell.angle_alpha   90.000
_cell.angle_beta   103.752
_cell.angle_gamma   90.000
#
_symmetry.space_group_name_H-M   'P 1 21 1'
#
loop_
_entity.id
_entity.type
_entity.pdbx_description
1 polymer 'The properdin specific VHH TPP-3077'
2 polymer Properdin
3 polymer Properdin
4 branched beta-D-glucopyranose-(1-3)-alpha-L-fucopyranose
5 branched 2-acetamido-2-deoxy-beta-D-glucopyranose-(1-4)-2-acetamido-2-deoxy-beta-D-glucopyranose
6 non-polymer 'GLYCOCHOLIC ACID'
7 non-polymer alpha-D-mannopyranose
8 non-polymer 2-acetamido-2-deoxy-beta-D-glucopyranose
9 water water
#
loop_
_entity_poly.entity_id
_entity_poly.type
_entity_poly.pdbx_seq_one_letter_code
_entity_poly.pdbx_strand_id
1 'polypeptide(L)'
;EVQLLESGGGLVQPGGSLRLSCAASGRISSIIHMAWFRQAPGKERELVSEISRVGTTVYADSVKGRFTISRDNSKNTLYL
QMNSLKPEDTAVYYCNALQYEKHGGADYWGQGTLVTVSSHHHHHH
;
A,B
2 'polypeptide(L)'
;DPVLCFTQYEESSGKCKGLLGGGVSVEDCCLNTAFAYQKRSGGLCQPCRSPRWSLWSTWAPCSVTCSEGSQLRYRRCVGW
NGQCSGKVAPGTLEWQLQACEDQQACPE
;
C,E
3 'polypeptide(L)'
;GVAGGWGPWGPVSPCPVTCGLGQTMEQRTCNHPVPQHGGPFCAGDATRTHICNTAVPCPVDGEWDSWGEWSPCIRRNMKS
ISCQEIPGQQSRGRTCRGRKFDGHRCAGQQQDIRHCYSIQHCPLKGSWSEWSTWGLCMPPCGPNPTRARQRLCTPLLPKY
PPTVSMVEGQGEKNVTFWGRPLPRCEELQGQKLVVEEKRPCLHVPACKDPEEEELHHHHHH
;
D,F
#
# COMPACT_ATOMS: atom_id res chain seq x y z
N GLU A 1 0.38 -3.37 31.45
CA GLU A 1 -0.54 -4.45 31.01
C GLU A 1 -1.98 -4.10 31.46
N VAL A 2 -2.94 -4.55 30.66
CA VAL A 2 -4.36 -4.51 30.95
C VAL A 2 -4.90 -5.94 30.95
N GLN A 3 -5.70 -6.27 31.96
CA GLN A 3 -6.32 -7.57 32.09
C GLN A 3 -7.80 -7.39 31.85
N LEU A 4 -8.39 -8.36 31.12
CA LEU A 4 -9.80 -8.29 30.78
C LEU A 4 -10.48 -9.57 31.22
N LEU A 5 -11.71 -9.46 31.77
CA LEU A 5 -12.45 -10.63 32.26
C LEU A 5 -13.90 -10.50 31.85
N GLU A 6 -14.35 -11.33 30.91
CA GLU A 6 -15.72 -11.26 30.37
C GLU A 6 -16.67 -12.22 31.11
N SER A 7 -17.95 -11.94 31.02
CA SER A 7 -18.95 -12.84 31.58
C SER A 7 -20.24 -12.56 30.81
N GLY A 8 -21.27 -13.39 31.08
CA GLY A 8 -22.59 -13.18 30.54
C GLY A 8 -23.05 -14.11 29.44
N GLY A 9 -22.21 -15.06 29.00
CA GLY A 9 -22.62 -15.91 27.89
C GLY A 9 -23.67 -16.91 28.33
N GLY A 10 -24.37 -17.53 27.38
CA GLY A 10 -25.34 -18.53 27.78
C GLY A 10 -26.08 -19.01 26.55
N LEU A 11 -27.14 -19.78 26.80
CA LEU A 11 -27.97 -20.30 25.72
C LEU A 11 -29.27 -19.52 25.65
N VAL A 12 -29.64 -19.07 24.46
CA VAL A 12 -30.89 -18.30 24.23
C VAL A 12 -31.52 -18.78 22.95
N GLN A 13 -32.78 -18.54 22.83
CA GLN A 13 -33.60 -18.81 21.62
C GLN A 13 -33.56 -17.65 20.63
N PRO A 14 -33.85 -17.90 19.33
CA PRO A 14 -33.85 -16.81 18.36
C PRO A 14 -34.81 -15.71 18.75
N GLY A 15 -34.38 -14.50 18.53
CA GLY A 15 -35.15 -13.37 18.97
C GLY A 15 -34.88 -12.94 20.41
N GLY A 16 -34.08 -13.67 21.17
CA GLY A 16 -33.84 -13.33 22.57
C GLY A 16 -32.75 -12.27 22.68
N SER A 17 -32.39 -11.97 23.94
CA SER A 17 -31.32 -11.02 24.21
C SER A 17 -30.42 -11.55 25.31
N LEU A 18 -29.19 -11.05 25.31
CA LEU A 18 -28.19 -11.36 26.29
C LEU A 18 -27.27 -10.16 26.39
N ARG A 19 -26.63 -10.00 27.52
CA ARG A 19 -25.68 -8.90 27.73
C ARG A 19 -24.36 -9.46 28.20
N LEU A 20 -23.28 -9.17 27.49
CA LEU A 20 -21.94 -9.57 27.91
C LEU A 20 -21.33 -8.37 28.68
N SER A 21 -20.55 -8.65 29.69
CA SER A 21 -19.82 -7.62 30.39
C SER A 21 -18.36 -7.98 30.38
N CYS A 22 -17.49 -6.98 30.44
CA CYS A 22 -16.05 -7.20 30.55
C CYS A 22 -15.42 -6.17 31.51
N ALA A 23 -14.81 -6.62 32.59
CA ALA A 23 -14.20 -5.72 33.57
C ALA A 23 -12.75 -5.61 33.15
N ALA A 24 -12.29 -4.38 33.03
CA ALA A 24 -10.92 -4.10 32.66
C ALA A 24 -10.16 -3.64 33.90
N SER A 25 -8.88 -3.97 33.95
CA SER A 25 -8.03 -3.59 35.08
C SER A 25 -6.62 -3.40 34.54
N GLY A 26 -5.78 -2.73 35.35
CA GLY A 26 -4.41 -2.40 34.90
C GLY A 26 -4.28 -1.02 34.28
N ARG A 27 -3.44 -0.87 33.28
CA ARG A 27 -3.10 0.42 32.67
C ARG A 27 -4.20 0.86 31.68
N ILE A 28 -5.40 1.02 32.22
CA ILE A 28 -6.54 1.28 31.36
C ILE A 28 -6.49 2.64 30.69
N SER A 29 -5.75 3.58 31.27
CA SER A 29 -5.58 4.90 30.65
C SER A 29 -4.86 4.81 29.32
N SER A 30 -4.17 3.72 29.01
CA SER A 30 -3.43 3.58 27.76
C SER A 30 -4.33 3.11 26.59
N ILE A 31 -5.58 2.82 26.88
CA ILE A 31 -6.48 2.20 25.92
C ILE A 31 -7.21 3.28 25.15
N ILE A 32 -7.24 3.12 23.82
CA ILE A 32 -8.03 3.99 22.94
C ILE A 32 -9.34 3.34 22.53
N HIS A 33 -9.32 2.04 22.17
CA HIS A 33 -10.51 1.37 21.74
C HIS A 33 -10.75 0.13 22.60
N MET A 34 -12.03 -0.11 22.90
CA MET A 34 -12.47 -1.38 23.42
C MET A 34 -13.42 -1.99 22.40
N ALA A 35 -13.45 -3.35 22.37
CA ALA A 35 -14.15 -4.01 21.29
C ALA A 35 -14.57 -5.40 21.72
N TRP A 36 -15.55 -5.93 20.95
CA TRP A 36 -15.93 -7.31 21.02
C TRP A 36 -15.66 -7.97 19.66
N PHE A 37 -15.09 -9.14 19.75
CA PHE A 37 -14.86 -9.97 18.61
C PHE A 37 -15.62 -11.27 18.85
N ARG A 38 -15.77 -12.07 17.79
CA ARG A 38 -16.39 -13.38 18.03
C ARG A 38 -15.79 -14.36 17.06
N GLN A 39 -15.87 -15.63 17.46
CA GLN A 39 -15.34 -16.71 16.64
C GLN A 39 -16.43 -17.78 16.51
N ALA A 40 -16.95 -17.88 15.32
CA ALA A 40 -18.04 -18.79 15.02
C ALA A 40 -17.47 -20.09 14.48
N PRO A 41 -18.22 -21.19 14.62
CA PRO A 41 -17.66 -22.50 14.23
C PRO A 41 -17.29 -22.49 12.77
N GLY A 42 -16.05 -22.89 12.51
CA GLY A 42 -15.55 -22.92 11.16
C GLY A 42 -14.92 -21.65 10.70
N LYS A 43 -14.87 -20.60 11.55
CA LYS A 43 -14.50 -19.27 11.09
C LYS A 43 -13.39 -18.66 11.93
N GLU A 44 -12.74 -17.70 11.31
CA GLU A 44 -11.75 -16.89 11.98
C GLU A 44 -12.49 -15.91 12.87
N ARG A 45 -11.80 -15.44 13.91
CA ARG A 45 -12.31 -14.45 14.84
C ARG A 45 -12.45 -13.14 14.08
N GLU A 46 -13.54 -12.41 14.34
CA GLU A 46 -13.90 -11.22 13.57
C GLU A 46 -14.30 -10.13 14.57
N LEU A 47 -14.11 -8.89 14.19
CA LEU A 47 -14.55 -7.78 15.04
C LEU A 47 -16.05 -7.57 14.86
N VAL A 48 -16.76 -7.53 15.98
CA VAL A 48 -18.22 -7.30 15.98
C VAL A 48 -18.53 -5.83 16.20
N SER A 49 -17.86 -5.22 17.18
CA SER A 49 -18.20 -3.85 17.51
C SER A 49 -17.04 -3.28 18.33
N GLU A 50 -16.89 -1.94 18.25
CA GLU A 50 -15.74 -1.33 18.93
C GLU A 50 -16.17 0.08 19.30
N ILE A 51 -15.57 0.59 20.36
CA ILE A 51 -15.91 1.91 20.83
C ILE A 51 -14.66 2.62 21.27
N SER A 52 -14.54 3.89 20.90
CA SER A 52 -13.33 4.61 21.19
C SER A 52 -13.52 5.37 22.53
N ARG A 53 -12.41 5.86 23.06
CA ARG A 53 -12.48 6.64 24.29
C ARG A 53 -13.37 7.86 24.11
N VAL A 54 -13.32 8.49 22.95
CA VAL A 54 -14.21 9.64 22.72
C VAL A 54 -15.65 9.23 22.47
N GLY A 55 -15.95 7.94 22.32
CA GLY A 55 -17.32 7.50 22.21
C GLY A 55 -17.78 7.08 20.82
N THR A 56 -16.98 7.22 19.77
CA THR A 56 -17.43 6.81 18.42
C THR A 56 -17.44 5.27 18.38
N THR A 57 -18.33 4.70 17.56
CA THR A 57 -18.45 3.27 17.48
C THR A 57 -18.46 2.83 16.01
N VAL A 58 -18.19 1.53 15.82
CA VAL A 58 -18.36 0.88 14.52
C VAL A 58 -18.97 -0.47 14.84
N TYR A 59 -19.81 -0.97 13.90
CA TYR A 59 -20.43 -2.27 14.09
C TYR A 59 -20.28 -3.05 12.79
N ALA A 60 -20.20 -4.37 12.91
CA ALA A 60 -20.25 -5.21 11.70
C ALA A 60 -21.60 -5.04 11.10
N ASP A 61 -21.64 -5.08 9.77
CA ASP A 61 -22.93 -4.93 9.11
C ASP A 61 -23.96 -5.98 9.56
N SER A 62 -23.50 -7.17 9.96
CA SER A 62 -24.44 -8.23 10.29
C SER A 62 -25.13 -8.04 11.62
N VAL A 63 -24.58 -7.18 12.50
CA VAL A 63 -25.15 -6.93 13.83
C VAL A 63 -25.67 -5.52 14.00
N LYS A 64 -25.52 -4.65 13.00
CA LYS A 64 -25.88 -3.24 13.14
C LYS A 64 -27.35 -3.10 13.43
N GLY A 65 -27.69 -2.29 14.42
CA GLY A 65 -29.07 -2.07 14.86
C GLY A 65 -29.55 -3.11 15.88
N ARG A 66 -28.88 -4.26 15.96
CA ARG A 66 -29.25 -5.35 16.88
C ARG A 66 -28.38 -5.38 18.10
N PHE A 67 -27.11 -5.08 17.96
CA PHE A 67 -26.17 -5.13 19.06
C PHE A 67 -25.82 -3.66 19.40
N THR A 68 -25.52 -3.41 20.68
CA THR A 68 -25.13 -2.08 21.14
C THR A 68 -23.95 -2.23 22.09
N ILE A 69 -22.82 -1.57 21.78
CA ILE A 69 -21.65 -1.56 22.64
C ILE A 69 -21.70 -0.31 23.52
N SER A 70 -21.23 -0.45 24.75
CA SER A 70 -21.28 0.69 25.66
C SER A 70 -20.24 0.45 26.75
N ARG A 71 -19.91 1.53 27.47
CA ARG A 71 -18.93 1.49 28.55
C ARG A 71 -19.54 2.12 29.78
N ASP A 72 -19.25 1.58 30.96
CA ASP A 72 -19.45 2.30 32.22
C ASP A 72 -18.09 2.66 32.82
N ASN A 73 -17.64 3.89 32.60
CA ASN A 73 -16.34 4.30 33.13
C ASN A 73 -16.31 4.26 34.65
N SER A 74 -17.43 4.52 35.31
CA SER A 74 -17.42 4.49 36.77
C SER A 74 -17.15 3.09 37.30
N LYS A 75 -17.43 2.06 36.49
CA LYS A 75 -17.14 0.68 36.85
C LYS A 75 -15.99 0.06 36.06
N ASN A 76 -15.38 0.80 35.13
CA ASN A 76 -14.31 0.27 34.25
C ASN A 76 -14.78 -1.02 33.59
N THR A 77 -16.04 -1.02 33.18
CA THR A 77 -16.64 -2.18 32.46
C THR A 77 -17.12 -1.79 31.08
N LEU A 78 -17.06 -2.76 30.18
CA LEU A 78 -17.54 -2.66 28.83
C LEU A 78 -18.69 -3.66 28.69
N TYR A 79 -19.70 -3.30 27.92
CA TYR A 79 -20.88 -4.12 27.71
C TYR A 79 -21.11 -4.36 26.23
N LEU A 80 -21.66 -5.54 25.90
CA LEU A 80 -22.30 -5.76 24.58
C LEU A 80 -23.73 -6.21 24.86
N GLN A 81 -24.69 -5.40 24.46
CA GLN A 81 -26.09 -5.73 24.63
C GLN A 81 -26.49 -6.29 23.27
N MET A 82 -26.96 -7.54 23.27
CA MET A 82 -27.39 -8.21 22.05
C MET A 82 -28.90 -8.40 22.11
N ASN A 83 -29.60 -7.90 21.14
CA ASN A 83 -31.02 -8.10 20.99
C ASN A 83 -31.29 -8.83 19.68
N SER A 84 -32.49 -9.33 19.51
CA SER A 84 -32.93 -9.99 18.27
C SER A 84 -31.92 -11.06 17.80
N LEU A 85 -31.46 -11.88 18.72
CA LEU A 85 -30.37 -12.80 18.43
C LEU A 85 -30.83 -13.83 17.38
N LYS A 86 -29.91 -14.26 16.56
CA LYS A 86 -30.17 -15.19 15.47
C LYS A 86 -29.18 -16.32 15.63
N PRO A 87 -29.49 -17.51 15.06
CA PRO A 87 -28.57 -18.64 15.16
C PRO A 87 -27.17 -18.35 14.67
N GLU A 88 -27.06 -17.52 13.67
CA GLU A 88 -25.74 -17.23 13.17
C GLU A 88 -24.91 -16.33 14.10
N ASP A 89 -25.49 -15.80 15.17
CA ASP A 89 -24.68 -15.12 16.19
C ASP A 89 -24.00 -16.10 17.16
N THR A 90 -24.24 -17.41 17.04
CA THR A 90 -23.60 -18.38 17.93
C THR A 90 -22.10 -18.29 17.71
N ALA A 91 -21.36 -18.22 18.80
CA ALA A 91 -19.89 -18.09 18.73
C ALA A 91 -19.34 -17.91 20.15
N VAL A 92 -18.02 -18.05 20.28
CA VAL A 92 -17.35 -17.58 21.51
C VAL A 92 -17.07 -16.09 21.30
N TYR A 93 -17.45 -15.27 22.28
CA TYR A 93 -17.25 -13.82 22.14
C TYR A 93 -16.11 -13.41 23.04
N TYR A 94 -15.19 -12.56 22.56
CA TYR A 94 -13.98 -12.15 23.29
C TYR A 94 -14.02 -10.63 23.49
N CYS A 95 -13.74 -10.13 24.72
CA CYS A 95 -13.48 -8.67 25.00
C CYS A 95 -12.06 -8.38 24.47
N ASN A 96 -11.82 -7.17 23.99
CA ASN A 96 -10.51 -6.78 23.45
C ASN A 96 -10.32 -5.28 23.82
N ALA A 97 -9.07 -4.88 24.03
CA ALA A 97 -8.77 -3.48 24.29
C ALA A 97 -7.50 -3.23 23.52
N LEU A 98 -7.42 -2.07 22.86
CA LEU A 98 -6.25 -1.73 22.02
C LEU A 98 -5.66 -0.43 22.57
N GLN A 99 -4.35 -0.41 22.76
CA GLN A 99 -3.72 0.82 23.24
C GLN A 99 -3.59 1.87 22.15
N TYR A 100 -3.47 3.15 22.57
CA TYR A 100 -3.05 4.15 21.62
C TYR A 100 -1.70 3.76 21.09
N GLU A 101 -1.40 4.14 19.84
CA GLU A 101 -0.08 3.86 19.31
C GLU A 101 1.00 4.50 20.13
N LYS A 102 0.75 5.71 20.65
CA LYS A 102 1.81 6.35 21.41
C LYS A 102 2.17 5.61 22.69
N HIS A 103 1.27 4.74 23.20
CA HIS A 103 1.55 3.94 24.38
C HIS A 103 2.06 2.55 24.09
N GLY A 104 2.23 2.21 22.83
CA GLY A 104 2.75 0.91 22.43
C GLY A 104 1.81 0.12 21.55
N GLY A 105 0.55 0.47 21.38
CA GLY A 105 -0.23 -0.23 20.35
C GLY A 105 -0.65 -1.68 20.64
N ALA A 106 -0.57 -2.10 21.89
CA ALA A 106 -0.81 -3.49 22.18
C ALA A 106 -2.29 -3.82 22.17
N ASP A 107 -2.61 -5.04 21.71
CA ASP A 107 -3.97 -5.57 21.87
C ASP A 107 -3.95 -6.47 23.13
N TYR A 108 -5.05 -6.44 23.89
CA TYR A 108 -5.22 -7.30 25.03
C TYR A 108 -6.55 -8.04 24.87
N TRP A 109 -6.63 -9.23 25.43
CA TRP A 109 -7.75 -10.12 25.15
C TRP A 109 -8.32 -10.74 26.42
N GLY A 110 -9.63 -10.88 26.46
CA GLY A 110 -10.27 -11.68 27.48
C GLY A 110 -10.20 -13.14 27.07
N GLN A 111 -10.76 -13.98 27.92
CA GLN A 111 -10.64 -15.44 27.75
C GLN A 111 -11.72 -16.02 26.83
N GLY A 112 -12.80 -15.30 26.65
CA GLY A 112 -13.90 -15.72 25.81
C GLY A 112 -15.08 -16.19 26.65
N THR A 113 -16.26 -16.03 26.08
CA THR A 113 -17.51 -16.45 26.67
C THR A 113 -18.42 -16.94 25.54
N LEU A 114 -19.15 -18.02 25.82
CA LEU A 114 -19.89 -18.71 24.74
C LEU A 114 -21.33 -18.21 24.71
N VAL A 115 -21.75 -17.78 23.54
CA VAL A 115 -23.14 -17.44 23.29
C VAL A 115 -23.65 -18.47 22.28
N THR A 116 -24.74 -19.16 22.63
CA THR A 116 -25.37 -20.14 21.74
C THR A 116 -26.82 -19.73 21.53
N VAL A 117 -27.18 -19.57 20.29
CA VAL A 117 -28.55 -19.23 19.92
C VAL A 117 -29.10 -20.42 19.20
N SER A 118 -30.12 -21.05 19.80
CA SER A 118 -30.71 -22.21 19.15
C SER A 118 -32.19 -22.39 19.45
N SER A 119 -32.93 -22.86 18.45
CA SER A 119 -34.34 -23.23 18.64
C SER A 119 -34.46 -24.71 19.08
N GLU B 1 30.90 -7.24 26.90
CA GLU B 1 29.89 -8.30 26.65
C GLU B 1 28.54 -7.79 27.13
N VAL B 2 27.50 -8.15 26.38
CA VAL B 2 26.13 -7.92 26.79
C VAL B 2 25.44 -9.27 26.85
N GLN B 3 24.65 -9.51 27.89
CA GLN B 3 23.89 -10.74 28.07
C GLN B 3 22.42 -10.41 27.86
N LEU B 4 21.68 -11.31 27.16
CA LEU B 4 20.27 -11.09 26.85
C LEU B 4 19.48 -12.28 27.32
N LEU B 5 18.31 -12.04 27.88
CA LEU B 5 17.48 -13.09 28.47
C LEU B 5 16.04 -12.85 28.05
N GLU B 6 15.56 -13.68 27.14
CA GLU B 6 14.21 -13.51 26.62
C GLU B 6 13.21 -14.26 27.45
N SER B 7 12.00 -13.78 27.41
CA SER B 7 10.88 -14.47 28.07
C SER B 7 9.59 -14.02 27.42
N GLY B 8 8.51 -14.72 27.77
CA GLY B 8 7.20 -14.41 27.26
C GLY B 8 6.64 -15.31 26.17
N GLY B 9 7.36 -16.34 25.73
CA GLY B 9 6.88 -17.18 24.64
C GLY B 9 5.71 -18.02 25.11
N GLY B 10 4.98 -18.61 24.17
CA GLY B 10 3.91 -19.50 24.56
C GLY B 10 3.06 -19.87 23.35
N LEU B 11 1.88 -20.41 23.63
CA LEU B 11 0.95 -20.83 22.63
C LEU B 11 -0.19 -19.88 22.58
N VAL B 12 -0.59 -19.47 21.39
CA VAL B 12 -1.71 -18.53 21.24
C VAL B 12 -2.57 -18.90 20.03
N GLN B 13 -3.77 -18.56 20.10
CA GLN B 13 -4.67 -18.86 19.00
C GLN B 13 -4.45 -17.80 17.93
N PRO B 14 -4.70 -18.13 16.67
CA PRO B 14 -4.55 -17.13 15.60
C PRO B 14 -5.45 -15.97 15.86
N GLY B 15 -4.92 -14.80 15.55
CA GLY B 15 -5.64 -13.53 15.85
C GLY B 15 -5.37 -12.98 17.24
N GLY B 16 -4.72 -13.76 18.08
CA GLY B 16 -4.42 -13.34 19.45
C GLY B 16 -3.16 -12.51 19.48
N SER B 17 -2.71 -12.17 20.70
CA SER B 17 -1.49 -11.39 20.83
C SER B 17 -0.61 -11.96 21.93
N LEU B 18 0.65 -11.55 21.86
CA LEU B 18 1.64 -11.90 22.87
C LEU B 18 2.69 -10.82 22.92
N ARG B 19 3.33 -10.67 24.10
CA ARG B 19 4.43 -9.72 24.25
C ARG B 19 5.68 -10.48 24.69
N LEU B 20 6.75 -10.40 23.93
CA LEU B 20 8.06 -10.93 24.32
C LEU B 20 8.86 -9.82 25.01
N SER B 21 9.68 -10.19 25.98
CA SER B 21 10.57 -9.27 26.67
C SER B 21 11.97 -9.81 26.57
N CYS B 22 12.95 -8.92 26.58
CA CYS B 22 14.35 -9.34 26.62
C CYS B 22 15.09 -8.40 27.53
N ALA B 23 15.63 -8.93 28.62
CA ALA B 23 16.33 -8.12 29.61
C ALA B 23 17.81 -8.12 29.28
N ALA B 24 18.41 -6.93 29.13
CA ALA B 24 19.81 -6.80 28.77
C ALA B 24 20.66 -6.43 29.96
N SER B 25 21.89 -6.94 29.99
CA SER B 25 22.81 -6.62 31.09
C SER B 25 24.20 -6.63 30.49
N GLY B 26 25.16 -6.06 31.23
CA GLY B 26 26.53 -5.93 30.78
C GLY B 26 26.86 -4.57 30.18
N ARG B 27 27.69 -4.53 29.13
CA ARG B 27 28.09 -3.28 28.49
C ARG B 27 26.99 -2.71 27.58
N ILE B 28 25.84 -2.41 28.17
CA ILE B 28 24.70 -2.00 27.36
C ILE B 28 24.89 -0.62 26.73
N SER B 29 25.75 0.22 27.31
CA SER B 29 26.02 1.52 26.68
C SER B 29 26.71 1.36 25.33
N SER B 30 27.31 0.23 25.04
CA SER B 30 27.96 0.05 23.72
C SER B 30 26.97 -0.31 22.60
N ILE B 31 25.71 -0.51 22.93
CA ILE B 31 24.67 -0.98 21.98
C ILE B 31 24.00 0.21 21.25
N ILE B 32 23.94 0.11 19.93
CA ILE B 32 23.18 1.02 19.06
C ILE B 32 21.84 0.44 18.62
N HIS B 33 21.78 -0.83 18.19
CA HIS B 33 20.53 -1.43 17.76
C HIS B 33 20.22 -2.67 18.61
N MET B 34 18.93 -2.85 18.92
CA MET B 34 18.41 -4.06 19.47
C MET B 34 17.38 -4.53 18.47
N ALA B 35 17.27 -5.85 18.34
CA ALA B 35 16.44 -6.41 17.31
C ALA B 35 15.88 -7.75 17.77
N TRP B 36 14.79 -8.16 17.09
CA TRP B 36 14.27 -9.50 17.21
C TRP B 36 14.43 -10.18 15.85
N PHE B 37 14.89 -11.41 15.93
CA PHE B 37 15.00 -12.34 14.81
C PHE B 37 14.07 -13.50 15.13
N ARG B 38 13.75 -14.30 14.11
CA ARG B 38 12.97 -15.48 14.37
C ARG B 38 13.42 -16.55 13.39
N GLN B 39 13.16 -17.80 13.81
CA GLN B 39 13.50 -18.96 13.00
C GLN B 39 12.40 -19.99 13.05
N ALA B 40 11.75 -20.18 11.97
CA ALA B 40 10.70 -21.18 11.87
C ALA B 40 11.34 -22.50 11.47
N PRO B 41 10.73 -23.63 11.83
CA PRO B 41 11.39 -24.91 11.57
C PRO B 41 11.65 -25.10 10.08
N GLY B 42 12.92 -25.35 9.72
CA GLY B 42 13.32 -25.52 8.33
C GLY B 42 13.89 -24.31 7.63
N LYS B 43 13.93 -23.16 8.30
CA LYS B 43 14.28 -21.89 7.68
C LYS B 43 15.42 -21.33 8.47
N GLU B 44 16.14 -20.43 7.80
CA GLU B 44 17.21 -19.64 8.36
C GLU B 44 16.57 -18.53 9.21
N ARG B 45 17.38 -18.00 10.13
CA ARG B 45 16.97 -16.89 11.00
C ARG B 45 16.73 -15.65 10.17
N GLU B 46 15.70 -14.86 10.52
CA GLU B 46 15.39 -13.65 9.77
C GLU B 46 15.18 -12.53 10.79
N LEU B 47 15.60 -11.33 10.45
CA LEU B 47 15.37 -10.15 11.30
C LEU B 47 13.92 -9.75 11.15
N VAL B 48 13.20 -9.66 12.23
CA VAL B 48 11.79 -9.29 12.19
C VAL B 48 11.64 -7.80 12.46
N SER B 49 12.40 -7.31 13.42
CA SER B 49 12.27 -5.89 13.74
C SER B 49 13.51 -5.42 14.46
N GLU B 50 13.80 -4.09 14.37
CA GLU B 50 15.00 -3.57 15.00
C GLU B 50 14.72 -2.12 15.36
N ILE B 51 15.38 -1.66 16.40
CA ILE B 51 15.17 -0.29 16.93
C ILE B 51 16.51 0.26 17.37
N SER B 52 16.80 1.50 16.97
CA SER B 52 18.11 2.09 17.25
C SER B 52 17.95 2.89 18.53
N ARG B 53 19.07 3.25 19.12
CA ARG B 53 19.03 4.12 20.31
C ARG B 53 18.33 5.46 20.09
N VAL B 54 18.44 6.04 18.89
CA VAL B 54 17.75 7.32 18.60
C VAL B 54 16.28 7.16 18.31
N GLY B 55 15.75 5.90 18.24
CA GLY B 55 14.32 5.59 18.13
C GLY B 55 13.82 5.11 16.76
N THR B 56 14.64 5.09 15.71
CA THR B 56 14.17 4.70 14.40
C THR B 56 14.03 3.17 14.41
N THR B 57 13.08 2.67 13.61
CA THR B 57 12.81 1.28 13.54
C THR B 57 12.72 0.80 12.07
N VAL B 58 12.88 -0.52 11.91
CA VAL B 58 12.60 -1.21 10.64
C VAL B 58 11.86 -2.49 11.02
N TYR B 59 10.96 -2.92 10.12
CA TYR B 59 10.18 -4.13 10.32
C TYR B 59 10.20 -4.93 9.02
N ALA B 60 10.13 -6.25 9.13
CA ALA B 60 9.92 -7.07 7.91
C ALA B 60 8.54 -6.77 7.35
N ASP B 61 8.43 -6.82 6.02
CA ASP B 61 7.13 -6.63 5.39
C ASP B 61 6.05 -7.58 5.90
N SER B 62 6.40 -8.78 6.31
CA SER B 62 5.39 -9.74 6.76
C SER B 62 4.79 -9.42 8.14
N VAL B 63 5.44 -8.56 8.96
CA VAL B 63 4.92 -8.21 10.28
C VAL B 63 4.51 -6.76 10.42
N LYS B 64 4.76 -5.95 9.41
CA LYS B 64 4.52 -4.52 9.50
C LYS B 64 3.05 -4.29 9.77
N GLY B 65 2.74 -3.44 10.74
CA GLY B 65 1.37 -3.15 11.11
C GLY B 65 0.81 -4.06 12.18
N ARG B 66 1.50 -5.16 12.46
CA ARG B 66 1.10 -6.12 13.47
C ARG B 66 2.06 -6.18 14.64
N PHE B 67 3.34 -6.04 14.37
CA PHE B 67 4.33 -6.18 15.42
C PHE B 67 4.84 -4.79 15.73
N THR B 68 5.19 -4.55 17.01
CA THR B 68 5.74 -3.26 17.42
C THR B 68 6.95 -3.56 18.33
N ILE B 69 8.12 -3.01 17.98
CA ILE B 69 9.30 -3.20 18.82
C ILE B 69 9.41 -1.97 19.72
N SER B 70 9.83 -2.13 20.97
CA SER B 70 10.01 -0.94 21.83
C SER B 70 11.00 -1.24 22.94
N ARG B 71 11.46 -0.15 23.62
CA ARG B 71 12.44 -0.26 24.68
C ARG B 71 11.90 0.46 25.91
N ASP B 72 12.15 -0.08 27.08
CA ASP B 72 12.00 0.69 28.32
C ASP B 72 13.42 0.91 28.83
N ASN B 73 13.94 2.11 28.62
CA ASN B 73 15.30 2.38 29.08
C ASN B 73 15.42 2.22 30.59
N SER B 74 14.37 2.58 31.33
CA SER B 74 14.42 2.52 32.79
C SER B 74 14.55 1.11 33.35
N LYS B 75 14.17 0.09 32.57
CA LYS B 75 14.30 -1.31 32.98
C LYS B 75 15.32 -2.09 32.16
N ASN B 76 15.99 -1.45 31.22
CA ASN B 76 16.93 -2.11 30.32
C ASN B 76 16.27 -3.30 29.64
N THR B 77 15.03 -3.12 29.23
CA THR B 77 14.29 -4.20 28.57
C THR B 77 13.80 -3.79 27.19
N LEU B 78 13.77 -4.75 26.30
CA LEU B 78 13.26 -4.59 24.94
C LEU B 78 12.02 -5.47 24.86
N TYR B 79 11.03 -5.01 24.11
CA TYR B 79 9.78 -5.74 24.00
C TYR B 79 9.49 -5.97 22.51
N LEU B 80 8.83 -7.10 22.20
CA LEU B 80 8.18 -7.28 20.91
C LEU B 80 6.70 -7.48 21.21
N GLN B 81 5.90 -6.57 20.75
CA GLN B 81 4.46 -6.66 20.90
C GLN B 81 3.97 -7.27 19.60
N MET B 82 3.35 -8.40 19.69
CA MET B 82 2.91 -9.15 18.51
C MET B 82 1.39 -9.19 18.56
N ASN B 83 0.77 -8.44 17.68
CA ASN B 83 -0.67 -8.50 17.61
C ASN B 83 -1.07 -9.35 16.39
N SER B 84 -2.33 -9.77 16.39
CA SER B 84 -2.98 -10.40 15.24
C SER B 84 -2.15 -11.54 14.69
N LEU B 85 -1.71 -12.41 15.61
CA LEU B 85 -0.78 -13.48 15.27
C LEU B 85 -1.43 -14.44 14.30
N LYS B 86 -0.58 -15.04 13.46
CA LYS B 86 -0.95 -15.98 12.38
C LYS B 86 -0.11 -17.24 12.54
N PRO B 87 -0.59 -18.38 12.02
CA PRO B 87 0.23 -19.60 12.16
C PRO B 87 1.62 -19.47 11.57
N GLU B 88 1.77 -18.70 10.52
CA GLU B 88 3.12 -18.56 9.96
C GLU B 88 4.07 -17.71 10.81
N ASP B 89 3.58 -17.13 11.88
CA ASP B 89 4.47 -16.48 12.87
C ASP B 89 5.06 -17.48 13.88
N THR B 90 4.68 -18.78 13.84
CA THR B 90 5.28 -19.76 14.72
C THR B 90 6.78 -19.81 14.46
N ALA B 91 7.59 -19.78 15.52
CA ALA B 91 9.06 -19.79 15.37
C ALA B 91 9.70 -19.63 16.74
N VAL B 92 11.01 -19.89 16.81
CA VAL B 92 11.81 -19.46 17.94
C VAL B 92 12.17 -18.00 17.68
N TYR B 93 11.95 -17.15 18.67
CA TYR B 93 12.27 -15.73 18.53
C TYR B 93 13.50 -15.45 19.41
N TYR B 94 14.49 -14.70 18.85
CA TYR B 94 15.76 -14.48 19.55
C TYR B 94 15.95 -12.96 19.68
N CYS B 95 16.33 -12.52 20.86
CA CYS B 95 16.74 -11.11 21.09
C CYS B 95 18.16 -11.00 20.54
N ASN B 96 18.53 -9.82 20.05
CA ASN B 96 19.89 -9.60 19.50
C ASN B 96 20.25 -8.11 19.82
N ALA B 97 21.53 -7.82 20.09
CA ALA B 97 21.97 -6.47 20.35
C ALA B 97 23.26 -6.28 19.55
N LEU B 98 23.36 -5.12 18.88
CA LEU B 98 24.47 -4.83 17.99
C LEU B 98 25.15 -3.58 18.52
N GLN B 99 26.47 -3.64 18.68
CA GLN B 99 27.21 -2.46 19.15
C GLN B 99 27.38 -1.42 18.05
N TYR B 100 27.58 -0.17 18.49
CA TYR B 100 28.09 0.85 17.61
C TYR B 100 29.38 0.32 17.03
N GLU B 101 29.67 0.66 15.77
CA GLU B 101 30.96 0.24 15.21
C GLU B 101 32.11 0.78 16.00
N LYS B 102 31.97 2.00 16.51
CA LYS B 102 33.09 2.61 17.23
C LYS B 102 33.46 1.83 18.50
N HIS B 103 32.53 1.07 19.07
CA HIS B 103 32.82 0.21 20.20
C HIS B 103 33.14 -1.23 19.80
N GLY B 104 33.23 -1.53 18.53
CA GLY B 104 33.65 -2.84 18.02
C GLY B 104 32.66 -3.50 17.10
N GLY B 105 31.39 -3.06 17.13
CA GLY B 105 30.51 -3.64 16.12
C GLY B 105 30.06 -5.07 16.35
N ALA B 106 30.27 -5.65 17.53
CA ALA B 106 29.94 -7.05 17.81
C ALA B 106 28.42 -7.21 18.07
N ASP B 107 27.91 -8.40 17.77
CA ASP B 107 26.54 -8.74 18.16
C ASP B 107 26.43 -9.84 19.21
N TYR B 108 25.33 -9.78 19.95
CA TYR B 108 25.10 -10.67 21.07
C TYR B 108 23.68 -11.19 20.91
N TRP B 109 23.46 -12.43 21.40
CA TRP B 109 22.24 -13.19 21.14
C TRP B 109 21.71 -13.74 22.46
N GLY B 110 20.38 -13.71 22.58
CA GLY B 110 19.72 -14.45 23.64
C GLY B 110 19.55 -15.89 23.18
N GLN B 111 18.96 -16.70 24.05
CA GLN B 111 18.85 -18.14 23.84
C GLN B 111 17.59 -18.56 23.09
N GLY B 112 16.63 -17.66 22.98
CA GLY B 112 15.44 -17.93 22.22
C GLY B 112 14.23 -18.25 23.07
N THR B 113 13.08 -17.94 22.53
CA THR B 113 11.82 -18.24 23.19
C THR B 113 10.86 -18.66 22.09
N LEU B 114 10.05 -19.66 22.42
CA LEU B 114 9.21 -20.29 21.41
C LEU B 114 7.85 -19.61 21.42
N VAL B 115 7.39 -19.23 20.23
CA VAL B 115 6.02 -18.79 20.02
C VAL B 115 5.34 -19.78 19.05
N THR B 116 4.19 -20.33 19.45
CA THR B 116 3.49 -21.32 18.63
C THR B 116 2.11 -20.74 18.47
N VAL B 117 1.72 -20.52 17.24
CA VAL B 117 0.40 -19.98 16.91
C VAL B 117 -0.29 -21.09 16.18
N SER B 118 -1.32 -21.67 16.80
CA SER B 118 -2.03 -22.81 16.23
C SER B 118 -3.43 -22.85 16.80
N SER B 119 -4.39 -23.24 15.96
CA SER B 119 -5.77 -23.43 16.37
C SER B 119 -6.06 -24.85 16.87
N HIS B 120 -5.03 -25.63 17.20
CA HIS B 120 -5.18 -27.06 17.54
C HIS B 120 -4.56 -27.43 18.89
N ASP C 1 1.43 24.44 -2.91
CA ASP C 1 0.71 25.50 -3.63
C ASP C 1 -0.61 25.67 -2.84
N PRO C 2 -1.01 26.90 -2.46
CA PRO C 2 -2.16 27.07 -1.55
C PRO C 2 -3.48 26.56 -2.11
N VAL C 3 -4.35 26.10 -1.22
CA VAL C 3 -5.62 25.46 -1.56
C VAL C 3 -6.73 26.10 -0.72
N LEU C 4 -7.97 26.01 -1.25
CA LEU C 4 -9.16 26.34 -0.46
C LEU C 4 -9.64 25.11 0.31
N CYS C 5 -9.75 25.21 1.63
CA CYS C 5 -10.04 24.08 2.48
C CYS C 5 -11.45 24.18 3.04
N PHE C 6 -12.18 23.02 3.01
CA PHE C 6 -13.56 23.05 3.43
C PHE C 6 -13.82 21.91 4.42
N THR C 7 -14.90 22.04 5.19
CA THR C 7 -15.16 21.10 6.27
C THR C 7 -16.05 19.94 5.87
N GLN C 8 -16.65 19.94 4.66
CA GLN C 8 -17.56 18.87 4.28
C GLN C 8 -17.45 18.59 2.78
N TYR C 9 -17.72 17.33 2.41
CA TYR C 9 -17.90 16.93 1.02
C TYR C 9 -19.32 16.41 0.88
N GLU C 10 -20.07 16.97 -0.07
CA GLU C 10 -21.49 16.63 -0.19
C GLU C 10 -21.70 15.17 -0.58
N GLU C 11 -20.82 14.61 -1.40
CA GLU C 11 -20.86 13.21 -1.83
C GLU C 11 -21.96 12.87 -2.83
N SER C 12 -23.22 13.24 -2.55
CA SER C 12 -24.25 13.09 -3.58
C SER C 12 -23.96 13.97 -4.79
N SER C 13 -23.31 15.11 -4.55
CA SER C 13 -22.69 15.89 -5.60
C SER C 13 -21.25 16.17 -5.19
N GLY C 14 -20.41 16.46 -6.17
CA GLY C 14 -19.01 16.72 -5.91
C GLY C 14 -18.78 18.17 -5.53
N LYS C 15 -19.45 18.61 -4.47
CA LYS C 15 -19.46 20.01 -4.08
C LYS C 15 -18.81 20.16 -2.72
N CYS C 16 -17.82 21.05 -2.67
CA CYS C 16 -17.27 21.46 -1.39
C CYS C 16 -18.25 22.35 -0.65
N LYS C 17 -18.27 22.24 0.69
CA LYS C 17 -19.22 22.97 1.51
C LYS C 17 -18.59 23.32 2.85
N GLY C 18 -18.91 24.51 3.36
CA GLY C 18 -18.45 24.97 4.66
C GLY C 18 -17.03 25.46 4.61
N LEU C 19 -16.83 26.58 3.93
CA LEU C 19 -15.47 27.08 3.74
C LEU C 19 -14.83 27.42 5.07
N LEU C 20 -13.65 26.90 5.24
CA LEU C 20 -12.83 27.22 6.37
C LEU C 20 -11.91 28.37 6.01
N GLY C 21 -11.42 28.38 4.77
CA GLY C 21 -10.59 29.46 4.29
C GLY C 21 -9.47 28.97 3.39
N GLY C 22 -8.81 29.90 2.72
CA GLY C 22 -7.73 29.56 1.82
C GLY C 22 -6.40 29.60 2.53
N GLY C 23 -5.34 29.63 1.72
CA GLY C 23 -4.02 29.87 2.24
C GLY C 23 -3.42 28.72 3.00
N VAL C 24 -3.89 27.51 2.75
CA VAL C 24 -3.39 26.37 3.47
C VAL C 24 -3.11 25.26 2.44
N SER C 25 -2.10 24.46 2.73
CA SER C 25 -1.73 23.38 1.83
C SER C 25 -2.75 22.27 1.92
N VAL C 26 -2.82 21.46 0.86
CA VAL C 26 -3.72 20.31 0.86
C VAL C 26 -3.34 19.32 1.95
N GLU C 27 -2.05 19.17 2.25
CA GLU C 27 -1.62 18.24 3.29
C GLU C 27 -2.19 18.66 4.63
N ASP C 28 -2.01 19.95 4.97
CA ASP C 28 -2.59 20.45 6.21
C ASP C 28 -4.11 20.39 6.16
N CYS C 29 -4.70 20.70 4.98
CA CYS C 29 -6.15 20.65 4.88
C CYS C 29 -6.67 19.24 5.15
N CYS C 30 -5.98 18.22 4.62
CA CYS C 30 -6.43 16.85 4.70
C CYS C 30 -5.92 16.07 5.92
N LEU C 31 -5.32 16.76 6.91
CA LEU C 31 -5.01 16.10 8.18
C LEU C 31 -6.29 15.56 8.82
N ASN C 32 -7.41 16.25 8.61
CA ASN C 32 -8.73 15.71 8.93
C ASN C 32 -9.27 15.16 7.62
N THR C 33 -9.37 13.83 7.49
CA THR C 33 -9.77 13.29 6.20
C THR C 33 -11.25 13.49 5.89
N ALA C 34 -12.04 14.06 6.80
CA ALA C 34 -13.42 14.41 6.51
C ALA C 34 -13.55 15.72 5.72
N PHE C 35 -12.45 16.47 5.57
CA PHE C 35 -12.50 17.75 4.91
C PHE C 35 -12.46 17.56 3.39
N ALA C 36 -12.58 18.68 2.67
CA ALA C 36 -12.51 18.66 1.23
C ALA C 36 -11.84 19.93 0.78
N TYR C 37 -11.40 19.95 -0.48
CA TYR C 37 -10.64 21.10 -0.93
C TYR C 37 -10.83 21.34 -2.42
N GLN C 38 -10.63 22.60 -2.81
CA GLN C 38 -10.56 23.02 -4.20
C GLN C 38 -9.21 23.68 -4.44
N LYS C 39 -8.56 23.30 -5.53
CA LYS C 39 -7.35 23.98 -5.98
C LYS C 39 -7.63 25.39 -6.46
N ARG C 40 -8.83 25.66 -6.97
CA ARG C 40 -9.20 26.98 -7.46
C ARG C 40 -10.68 27.19 -7.15
N SER C 41 -11.06 28.46 -7.05
CA SER C 41 -12.35 28.82 -6.47
C SER C 41 -13.51 28.26 -7.28
N GLY C 42 -13.37 28.23 -8.60
CA GLY C 42 -14.42 27.75 -9.47
C GLY C 42 -14.05 26.42 -10.10
N GLY C 43 -13.63 25.47 -9.27
CA GLY C 43 -13.06 24.23 -9.74
C GLY C 43 -13.52 22.98 -8.99
N LEU C 44 -12.91 21.87 -9.36
CA LEU C 44 -13.32 20.58 -8.83
C LEU C 44 -13.06 20.49 -7.34
N CYS C 45 -14.05 20.01 -6.61
CA CYS C 45 -13.88 19.66 -5.21
C CYS C 45 -13.41 18.20 -5.09
N GLN C 46 -12.36 17.99 -4.29
CA GLN C 46 -11.82 16.67 -3.97
C GLN C 46 -11.94 16.45 -2.46
N PRO C 47 -12.52 15.34 -2.01
CA PRO C 47 -12.48 15.03 -0.59
C PRO C 47 -11.08 14.62 -0.17
N CYS C 48 -10.82 14.79 1.13
CA CYS C 48 -9.55 14.38 1.72
C CYS C 48 -9.50 12.89 2.07
N ARG C 49 -10.60 12.17 2.01
CA ARG C 49 -10.54 10.76 2.37
C ARG C 49 -9.82 9.95 1.30
N SER C 50 -9.45 8.70 1.61
CA SER C 50 -8.68 7.88 0.65
C SER C 50 -9.48 7.63 -0.63
N PRO C 51 -8.82 7.52 -1.79
CA PRO C 51 -9.56 7.56 -3.07
C PRO C 51 -10.47 6.38 -3.28
N ARG C 52 -11.55 6.66 -3.99
CA ARG C 52 -12.51 5.65 -4.44
C ARG C 52 -13.28 6.24 -5.61
N TRP C 53 -13.83 5.36 -6.42
CA TRP C 53 -14.62 5.82 -7.55
C TRP C 53 -15.92 6.44 -7.05
N SER C 54 -16.28 7.57 -7.65
CA SER C 54 -17.59 8.16 -7.47
C SER C 54 -18.64 7.38 -8.27
N LEU C 55 -19.91 7.64 -7.97
CA LEU C 55 -21.00 7.05 -8.70
C LEU C 55 -21.03 7.57 -10.13
N TRP C 56 -21.57 6.75 -11.05
CA TRP C 56 -21.65 7.14 -12.45
C TRP C 56 -22.49 8.40 -12.56
N SER C 57 -22.07 9.32 -13.43
CA SER C 57 -22.87 10.47 -13.77
C SER C 57 -24.08 10.03 -14.57
N THR C 58 -25.06 10.89 -14.63
CA THR C 58 -26.17 10.66 -15.54
C THR C 58 -25.66 10.61 -16.97
N TRP C 59 -26.35 9.88 -17.82
CA TRP C 59 -26.02 9.89 -19.23
C TRP C 59 -26.26 11.28 -19.80
N ALA C 60 -25.31 11.75 -20.60
CA ALA C 60 -25.47 13.02 -21.25
C ALA C 60 -26.52 12.91 -22.34
N PRO C 61 -27.06 14.04 -22.80
CA PRO C 61 -28.07 13.97 -23.86
C PRO C 61 -27.51 13.32 -25.12
N CYS C 62 -28.41 12.66 -25.83
CA CYS C 62 -28.00 11.90 -27.00
C CYS C 62 -27.33 12.84 -28.00
N SER C 63 -26.30 12.30 -28.67
CA SER C 63 -25.42 13.15 -29.47
C SER C 63 -26.13 13.78 -30.66
N VAL C 64 -27.24 13.19 -31.07
CA VAL C 64 -28.12 13.81 -32.05
C VAL C 64 -29.53 13.73 -31.49
N THR C 65 -30.31 14.77 -31.81
CA THR C 65 -31.71 14.86 -31.40
C THR C 65 -32.60 13.93 -32.21
N CYS C 66 -32.10 13.31 -33.25
CA CYS C 66 -32.91 12.40 -34.06
C CYS C 66 -32.02 11.36 -34.74
N SER C 67 -32.61 10.17 -34.95
CA SER C 67 -31.92 8.98 -35.42
C SER C 67 -30.85 8.53 -34.42
N GLU C 68 -30.13 7.46 -34.74
CA GLU C 68 -29.23 6.86 -33.78
C GLU C 68 -28.00 7.73 -33.53
N GLY C 69 -27.69 7.93 -32.25
CA GLY C 69 -26.48 8.59 -31.81
C GLY C 69 -25.87 7.80 -30.67
N SER C 70 -25.13 8.49 -29.79
CA SER C 70 -24.42 7.89 -28.67
C SER C 70 -24.38 8.91 -27.55
N GLN C 71 -24.13 8.45 -26.34
CA GLN C 71 -24.20 9.28 -25.14
C GLN C 71 -23.22 8.71 -24.15
N LEU C 72 -22.60 9.60 -23.38
CA LEU C 72 -21.57 9.25 -22.43
C LEU C 72 -22.04 9.46 -21.00
N ARG C 73 -21.45 8.68 -20.10
CA ARG C 73 -21.49 8.96 -18.68
C ARG C 73 -20.08 8.70 -18.17
N TYR C 74 -19.79 9.19 -16.97
CA TYR C 74 -18.46 9.08 -16.43
C TYR C 74 -18.52 8.99 -14.91
N ARG C 75 -17.38 8.58 -14.35
CA ARG C 75 -17.18 8.66 -12.91
C ARG C 75 -15.73 9.04 -12.68
N ARG C 76 -15.43 9.52 -11.48
CA ARG C 76 -14.15 10.12 -11.20
C ARG C 76 -13.57 9.41 -9.98
N CYS C 77 -12.25 9.30 -9.98
CA CYS C 77 -11.51 8.84 -8.81
C CYS C 77 -11.36 10.04 -7.89
N VAL C 78 -12.08 10.03 -6.77
CA VAL C 78 -12.17 11.19 -5.87
C VAL C 78 -11.53 10.83 -4.54
N GLY C 79 -10.70 11.73 -4.05
CA GLY C 79 -10.00 11.59 -2.78
C GLY C 79 -8.59 12.10 -2.91
N TRP C 80 -7.77 11.71 -1.93
CA TRP C 80 -6.41 12.25 -1.86
C TRP C 80 -5.51 11.23 -1.21
N ASN C 81 -4.25 11.21 -1.64
CA ASN C 81 -3.22 10.40 -1.01
C ASN C 81 -3.52 8.90 -1.15
N GLY C 82 -3.56 8.45 -2.40
CA GLY C 82 -3.72 7.03 -2.66
C GLY C 82 -4.01 6.83 -4.12
N GLN C 83 -4.69 5.72 -4.41
CA GLN C 83 -5.09 5.35 -5.76
C GLN C 83 -6.39 4.58 -5.70
N CYS C 84 -7.26 4.82 -6.66
CA CYS C 84 -8.45 3.99 -6.86
C CYS C 84 -8.04 2.67 -7.53
N SER C 85 -8.90 1.66 -7.38
CA SER C 85 -8.64 0.36 -7.97
C SER C 85 -8.45 0.48 -9.47
N GLY C 86 -7.43 -0.20 -9.98
CA GLY C 86 -6.84 0.08 -11.27
C GLY C 86 -5.51 0.80 -11.22
N LYS C 87 -5.02 1.18 -10.04
CA LYS C 87 -3.75 1.91 -9.87
C LYS C 87 -3.76 3.21 -10.67
N VAL C 88 -4.64 4.10 -10.24
CA VAL C 88 -4.89 5.38 -10.92
C VAL C 88 -5.03 6.49 -9.90
N ALA C 89 -4.56 7.67 -10.28
CA ALA C 89 -4.49 8.85 -9.41
C ALA C 89 -5.86 9.51 -9.22
N PRO C 90 -6.00 10.28 -8.12
CA PRO C 90 -7.24 11.06 -7.97
C PRO C 90 -7.42 12.07 -9.09
N GLY C 91 -8.67 12.27 -9.47
CA GLY C 91 -9.04 13.13 -10.59
C GLY C 91 -9.28 12.38 -11.90
N THR C 92 -8.79 11.18 -12.03
CA THR C 92 -8.96 10.45 -13.29
C THR C 92 -10.42 10.06 -13.55
N LEU C 93 -10.84 10.14 -14.81
CA LEU C 93 -12.16 9.70 -15.24
C LEU C 93 -12.13 8.30 -15.87
N GLU C 94 -13.19 7.55 -15.64
CA GLU C 94 -13.56 6.41 -16.46
C GLU C 94 -14.87 6.74 -17.16
N TRP C 95 -15.02 6.29 -18.41
CA TRP C 95 -16.15 6.65 -19.25
C TRP C 95 -16.87 5.40 -19.72
N GLN C 96 -18.18 5.50 -19.91
CA GLN C 96 -18.99 4.52 -20.63
C GLN C 96 -19.73 5.22 -21.77
N LEU C 97 -19.91 4.50 -22.88
CA LEU C 97 -20.55 5.00 -24.08
C LEU C 97 -21.59 3.99 -24.53
N GLN C 98 -22.78 4.47 -24.84
CA GLN C 98 -23.92 3.65 -25.19
C GLN C 98 -24.62 4.23 -26.41
N ALA C 99 -25.27 3.40 -27.21
CA ALA C 99 -26.17 3.88 -28.26
C ALA C 99 -27.44 4.48 -27.65
N CYS C 100 -28.04 5.43 -28.37
CA CYS C 100 -29.21 6.16 -27.91
C CYS C 100 -29.97 6.64 -29.14
N GLU C 101 -31.22 7.09 -28.90
CA GLU C 101 -32.06 7.61 -29.98
C GLU C 101 -33.20 8.42 -29.35
N ASP C 102 -33.17 9.73 -29.53
CA ASP C 102 -34.28 10.53 -29.04
C ASP C 102 -35.45 10.36 -30.00
N GLN C 103 -35.49 11.11 -31.11
CA GLN C 103 -36.46 10.83 -32.15
C GLN C 103 -35.96 9.66 -32.98
N GLN C 104 -36.88 8.87 -33.51
CA GLN C 104 -36.46 7.77 -34.36
C GLN C 104 -36.01 8.26 -35.74
N ALA C 105 -36.76 9.21 -36.33
CA ALA C 105 -36.50 9.75 -37.65
C ALA C 105 -36.31 11.26 -37.59
N CYS C 106 -35.49 11.77 -38.50
CA CYS C 106 -35.14 13.18 -38.49
C CYS C 106 -36.10 13.94 -39.40
N PRO C 107 -36.84 14.95 -38.88
CA PRO C 107 -37.56 15.80 -39.83
C PRO C 107 -36.62 16.65 -40.69
N GLY D 1 5.73 56.03 21.67
CA GLY D 1 5.85 57.08 20.67
C GLY D 1 4.51 57.56 20.14
N VAL D 2 4.52 58.63 19.31
CA VAL D 2 3.28 59.13 18.73
C VAL D 2 2.68 58.12 17.74
N ALA D 3 3.50 57.49 16.92
CA ALA D 3 2.98 56.63 15.86
C ALA D 3 2.29 55.40 16.42
N GLY D 4 1.20 54.99 15.78
CA GLY D 4 0.57 53.72 16.07
C GLY D 4 1.04 52.68 15.06
N GLY D 5 1.27 51.47 15.54
CA GLY D 5 1.60 50.37 14.65
C GLY D 5 1.19 49.03 15.23
N TRP D 6 0.54 48.21 14.41
CA TRP D 6 0.00 46.98 14.92
C TRP D 6 1.10 45.99 15.23
N GLY D 7 0.92 45.23 16.32
CA GLY D 7 1.69 44.05 16.54
C GLY D 7 1.16 42.87 15.76
N PRO D 8 1.86 41.73 15.85
CA PRO D 8 1.46 40.54 15.08
C PRO D 8 0.10 39.96 15.47
N TRP D 9 -0.60 39.40 14.49
CA TRP D 9 -1.82 38.66 14.77
C TRP D 9 -1.49 37.46 15.66
N GLY D 10 -2.48 37.03 16.49
CA GLY D 10 -2.38 35.83 17.31
C GLY D 10 -3.72 35.28 17.78
N PRO D 11 -3.81 33.98 18.11
CA PRO D 11 -5.12 33.40 18.50
C PRO D 11 -5.61 34.04 19.80
N VAL D 12 -6.94 34.19 19.89
CA VAL D 12 -7.58 34.65 21.12
C VAL D 12 -7.67 33.54 22.15
N SER D 13 -7.93 32.32 21.71
CA SER D 13 -8.28 31.15 22.49
C SER D 13 -7.64 30.00 21.86
N PRO D 14 -7.41 28.84 22.52
CA PRO D 14 -6.81 27.69 21.90
C PRO D 14 -7.66 27.18 20.74
N CYS D 15 -7.00 26.55 19.78
CA CYS D 15 -7.71 26.11 18.59
C CYS D 15 -8.76 25.13 19.09
N PRO D 16 -10.00 25.26 18.65
CA PRO D 16 -11.04 24.46 19.29
C PRO D 16 -11.15 23.04 18.73
N VAL D 17 -10.12 22.54 18.06
CA VAL D 17 -10.11 21.16 17.64
C VAL D 17 -8.89 20.46 18.22
N THR D 18 -8.98 19.12 18.35
CA THR D 18 -7.89 18.27 18.79
C THR D 18 -7.07 17.68 17.62
N CYS D 19 -7.44 17.94 16.38
CA CYS D 19 -6.58 17.56 15.27
C CYS D 19 -6.98 18.36 14.05
N GLY D 20 -6.06 18.43 13.09
CA GLY D 20 -6.38 19.11 11.84
C GLY D 20 -6.50 20.61 12.07
N LEU D 21 -7.16 21.28 11.11
CA LEU D 21 -7.46 22.70 11.17
C LEU D 21 -8.82 22.93 11.82
N GLY D 22 -9.00 24.15 12.33
CA GLY D 22 -10.25 24.65 12.86
C GLY D 22 -10.24 26.14 12.55
N GLN D 23 -11.32 26.82 12.90
CA GLN D 23 -11.37 28.27 12.86
C GLN D 23 -11.34 28.83 14.27
N THR D 24 -10.66 29.96 14.43
CA THR D 24 -10.58 30.64 15.71
C THR D 24 -10.62 32.14 15.45
N MET D 25 -11.04 32.88 16.48
CA MET D 25 -10.87 34.32 16.42
C MET D 25 -9.40 34.64 16.65
N GLU D 26 -8.90 35.68 15.99
CA GLU D 26 -7.55 36.15 16.28
C GLU D 26 -7.58 37.65 16.50
N GLN D 27 -6.55 38.14 17.15
CA GLN D 27 -6.50 39.52 17.58
C GLN D 27 -5.08 40.01 17.40
N ARG D 28 -4.94 41.35 17.52
CA ARG D 28 -3.64 42.00 17.49
C ARG D 28 -3.71 43.27 18.30
N THR D 29 -2.54 43.75 18.70
CA THR D 29 -2.45 44.83 19.66
C THR D 29 -1.72 45.99 19.06
N CYS D 30 -2.20 47.19 19.38
CA CYS D 30 -1.58 48.43 18.95
C CYS D 30 -0.48 48.78 19.94
N ASN D 31 0.69 48.21 19.69
CA ASN D 31 1.81 48.35 20.61
C ASN D 31 3.16 48.30 19.90
N HIS D 32 3.18 48.45 18.59
CA HIS D 32 4.39 48.28 17.80
C HIS D 32 4.50 49.47 16.86
N PRO D 33 4.68 50.68 17.39
CA PRO D 33 4.76 51.10 18.80
C PRO D 33 3.43 51.55 19.39
N VAL D 34 3.40 51.63 20.72
CA VAL D 34 2.22 52.15 21.43
C VAL D 34 2.01 53.63 21.11
N PRO D 35 0.79 54.08 20.78
CA PRO D 35 0.55 55.52 20.67
C PRO D 35 0.70 56.22 22.01
N GLN D 36 1.17 57.46 21.97
CA GLN D 36 1.55 58.19 23.17
C GLN D 36 1.60 59.66 22.82
N HIS D 37 1.23 60.51 23.78
CA HIS D 37 1.19 61.97 23.59
C HIS D 37 0.29 62.40 22.43
N GLY D 38 -0.86 61.75 22.30
CA GLY D 38 -1.82 62.16 21.30
C GLY D 38 -1.50 61.79 19.86
N GLY D 39 -0.52 60.92 19.62
CA GLY D 39 -0.24 60.52 18.27
C GLY D 39 -1.33 59.57 17.79
N PRO D 40 -1.42 59.34 16.48
CA PRO D 40 -2.55 58.55 15.95
C PRO D 40 -2.55 57.11 16.43
N PHE D 41 -3.75 56.56 16.64
CA PHE D 41 -3.95 55.17 16.97
C PHE D 41 -3.87 54.33 15.70
N CYS D 42 -3.56 53.05 15.87
CA CYS D 42 -3.46 52.15 14.73
C CYS D 42 -4.80 52.07 14.03
N ALA D 43 -4.80 52.22 12.70
CA ALA D 43 -6.00 52.05 11.90
C ALA D 43 -6.18 50.57 11.54
N GLY D 44 -7.45 50.15 11.45
CA GLY D 44 -7.81 48.80 11.02
C GLY D 44 -8.50 47.98 12.09
N ASP D 45 -8.84 46.73 11.71
CA ASP D 45 -9.50 45.80 12.61
C ASP D 45 -8.52 45.31 13.68
N ALA D 46 -9.00 45.15 14.92
CA ALA D 46 -8.24 44.55 16.00
C ALA D 46 -8.45 43.04 16.08
N THR D 47 -9.40 42.50 15.31
CA THR D 47 -9.73 41.08 15.38
C THR D 47 -10.14 40.58 13.98
N ARG D 48 -10.07 39.26 13.79
CA ARG D 48 -10.52 38.64 12.54
C ARG D 48 -10.75 37.18 12.87
N THR D 49 -11.54 36.50 12.05
CA THR D 49 -11.64 35.04 12.09
C THR D 49 -10.57 34.48 11.19
N HIS D 50 -9.96 33.36 11.59
CA HIS D 50 -8.86 32.84 10.82
C HIS D 50 -8.65 31.36 11.11
N ILE D 51 -8.05 30.66 10.15
CA ILE D 51 -7.73 29.27 10.35
C ILE D 51 -6.60 29.15 11.37
N CYS D 52 -6.72 28.12 12.23
CA CYS D 52 -5.67 27.68 13.13
C CYS D 52 -5.35 26.22 12.81
N ASN D 53 -4.06 25.87 12.88
CA ASN D 53 -3.58 24.58 12.46
C ASN D 53 -2.98 23.90 13.69
N THR D 54 -3.58 22.80 14.12
CA THR D 54 -2.97 22.01 15.18
C THR D 54 -1.74 21.24 14.69
N ALA D 55 -1.60 20.98 13.40
CA ALA D 55 -0.54 20.13 12.83
C ALA D 55 -0.59 18.65 13.28
N VAL D 56 -1.63 18.22 13.97
CA VAL D 56 -1.76 16.83 14.42
C VAL D 56 -2.75 16.07 13.56
N PRO D 57 -2.37 14.94 12.95
CA PRO D 57 -3.33 14.18 12.12
C PRO D 57 -4.51 13.59 12.89
N CYS D 58 -5.65 13.56 12.25
CA CYS D 58 -6.82 13.00 12.89
C CYS D 58 -6.81 11.49 12.69
N PRO D 59 -7.54 10.76 13.53
CA PRO D 59 -7.65 9.29 13.32
C PRO D 59 -8.32 9.03 11.99
N VAL D 60 -7.89 7.93 11.35
CA VAL D 60 -8.43 7.54 10.06
C VAL D 60 -8.90 6.10 10.21
N ASP D 61 -10.18 5.88 10.06
CA ASP D 61 -10.74 4.56 10.29
C ASP D 61 -10.40 3.65 9.12
N GLY D 62 -10.22 2.36 9.40
CA GLY D 62 -9.99 1.43 8.33
C GLY D 62 -11.26 1.20 7.56
N GLU D 63 -11.10 0.78 6.29
CA GLU D 63 -12.25 0.38 5.51
C GLU D 63 -11.87 -0.88 4.72
N TRP D 64 -12.83 -1.78 4.56
CA TRP D 64 -12.55 -3.00 3.79
C TRP D 64 -12.30 -2.68 2.32
N ASP D 65 -11.27 -3.31 1.76
CA ASP D 65 -11.18 -3.35 0.30
C ASP D 65 -12.18 -4.42 -0.21
N SER D 66 -12.22 -4.60 -1.54
CA SER D 66 -13.19 -5.48 -2.18
C SER D 66 -12.78 -6.93 -2.01
N TRP D 67 -13.77 -7.82 -1.94
CA TRP D 67 -13.50 -9.23 -1.86
C TRP D 67 -12.68 -9.71 -3.04
N GLY D 68 -11.72 -10.60 -2.77
CA GLY D 68 -11.01 -11.30 -3.82
C GLY D 68 -11.87 -12.42 -4.39
N GLU D 69 -11.27 -13.18 -5.30
CA GLU D 69 -11.99 -14.28 -5.99
C GLU D 69 -12.15 -15.50 -5.11
N TRP D 70 -13.24 -16.23 -5.32
CA TRP D 70 -13.44 -17.48 -4.59
C TRP D 70 -12.33 -18.47 -4.91
N SER D 71 -11.84 -19.14 -3.87
CA SER D 71 -10.87 -20.24 -4.02
C SER D 71 -11.54 -21.46 -4.64
N PRO D 72 -10.79 -22.42 -5.12
CA PRO D 72 -11.43 -23.55 -5.84
C PRO D 72 -12.35 -24.35 -4.91
N CYS D 73 -13.44 -24.84 -5.48
CA CYS D 73 -14.35 -25.67 -4.70
C CYS D 73 -13.70 -27.03 -4.42
N ILE D 74 -13.44 -27.33 -3.14
CA ILE D 74 -12.73 -28.54 -2.71
C ILE D 74 -13.32 -29.10 -1.41
N ARG D 75 -13.02 -30.37 -1.18
CA ARG D 75 -13.38 -31.08 0.03
C ARG D 75 -12.10 -31.68 0.59
N ARG D 76 -11.85 -31.43 1.88
CA ARG D 76 -10.53 -31.63 2.47
C ARG D 76 -10.11 -33.09 2.46
N ASN D 77 -11.06 -34.03 2.49
CA ASN D 77 -10.70 -35.44 2.48
C ASN D 77 -10.55 -36.05 1.07
N MET D 78 -10.68 -35.27 -0.02
CA MET D 78 -10.80 -35.84 -1.36
C MET D 78 -10.02 -35.06 -2.42
N LYS D 79 -9.49 -35.82 -3.40
CA LYS D 79 -8.66 -35.18 -4.41
C LYS D 79 -9.48 -34.30 -5.34
N SER D 80 -10.57 -34.85 -5.90
CA SER D 80 -11.41 -34.07 -6.78
C SER D 80 -12.87 -34.46 -6.65
N ILE D 81 -13.71 -33.45 -6.45
CA ILE D 81 -15.15 -33.56 -6.36
C ILE D 81 -15.85 -33.08 -7.62
N SER D 82 -15.10 -32.75 -8.69
CA SER D 82 -15.72 -32.19 -9.90
C SER D 82 -16.69 -33.17 -10.49
N CYS D 83 -17.80 -32.66 -10.98
CA CYS D 83 -18.72 -33.47 -11.79
C CYS D 83 -19.41 -34.55 -10.97
N GLN D 84 -19.57 -34.34 -9.65
CA GLN D 84 -20.19 -35.32 -8.77
C GLN D 84 -21.11 -34.56 -7.82
N GLU D 85 -22.13 -35.22 -7.29
CA GLU D 85 -23.02 -34.55 -6.34
C GLU D 85 -22.39 -34.63 -4.95
N ILE D 86 -21.32 -33.85 -4.76
CA ILE D 86 -20.58 -33.79 -3.51
C ILE D 86 -20.37 -32.31 -3.17
N PRO D 87 -20.98 -31.76 -2.12
CA PRO D 87 -20.63 -30.39 -1.71
C PRO D 87 -19.18 -30.30 -1.22
N GLY D 88 -18.52 -29.23 -1.59
CA GLY D 88 -17.21 -28.90 -1.07
C GLY D 88 -17.33 -27.51 -0.40
N GLN D 89 -16.23 -26.83 -0.15
CA GLN D 89 -16.24 -25.50 0.45
C GLN D 89 -15.25 -24.65 -0.31
N GLN D 90 -15.36 -23.32 -0.11
CA GLN D 90 -14.73 -22.35 -0.96
C GLN D 90 -14.63 -21.10 -0.09
N SER D 91 -13.65 -20.26 -0.32
CA SER D 91 -13.56 -19.01 0.45
C SER D 91 -12.95 -17.86 -0.33
N ARG D 92 -13.10 -16.66 0.22
CA ARG D 92 -12.51 -15.47 -0.37
C ARG D 92 -12.24 -14.52 0.76
N GLY D 93 -11.34 -13.55 0.54
CA GLY D 93 -10.98 -12.65 1.60
C GLY D 93 -10.87 -11.21 1.15
N ARG D 94 -10.71 -10.34 2.16
CA ARG D 94 -10.54 -8.92 1.89
C ARG D 94 -9.69 -8.38 3.02
N THR D 95 -9.21 -7.15 2.85
CA THR D 95 -8.22 -6.57 3.72
C THR D 95 -8.72 -5.22 4.20
N CYS D 96 -8.42 -4.95 5.46
CA CYS D 96 -8.74 -3.66 6.07
C CYS D 96 -7.65 -2.68 5.69
N ARG D 97 -8.01 -1.60 4.98
CA ARG D 97 -7.05 -0.64 4.47
C ARG D 97 -7.25 0.75 5.08
N GLY D 98 -6.16 1.50 5.23
CA GLY D 98 -6.15 2.92 5.56
C GLY D 98 -6.18 3.30 7.02
N ARG D 99 -6.27 2.35 7.95
CA ARG D 99 -6.36 2.71 9.37
C ARG D 99 -5.07 3.37 9.78
N LYS D 100 -5.19 4.49 10.49
CA LYS D 100 -3.98 5.19 10.92
C LYS D 100 -4.36 6.18 12.00
N PHE D 101 -3.34 6.51 12.78
CA PHE D 101 -3.42 7.47 13.90
C PHE D 101 -4.57 7.17 14.83
N ASP D 102 -4.66 5.90 15.23
CA ASP D 102 -5.66 5.38 16.17
C ASP D 102 -7.08 5.42 15.61
N GLY D 103 -7.27 5.29 14.30
CA GLY D 103 -8.64 5.17 13.80
C GLY D 103 -9.20 3.79 14.15
N HIS D 104 -10.49 3.59 13.90
CA HIS D 104 -11.15 2.35 14.28
C HIS D 104 -10.67 1.23 13.33
N ARG D 105 -10.73 0.02 13.81
CA ARG D 105 -10.54 -1.17 12.98
C ARG D 105 -11.79 -1.44 12.14
N CYS D 106 -11.64 -2.25 11.10
CA CYS D 106 -12.80 -2.63 10.30
C CYS D 106 -13.61 -3.71 11.01
N ALA D 107 -14.92 -3.56 11.01
CA ALA D 107 -15.79 -4.52 11.66
C ALA D 107 -16.35 -5.48 10.59
N GLY D 108 -16.56 -6.69 10.98
CA GLY D 108 -17.09 -7.75 10.12
C GLY D 108 -16.06 -8.77 9.68
N GLN D 109 -16.50 -9.68 8.83
CA GLN D 109 -15.66 -10.82 8.45
C GLN D 109 -14.54 -10.43 7.51
N GLN D 110 -13.36 -11.00 7.74
CA GLN D 110 -12.24 -10.83 6.83
C GLN D 110 -12.27 -11.93 5.75
N GLN D 111 -12.98 -13.00 5.98
CA GLN D 111 -13.02 -14.15 5.10
C GLN D 111 -14.48 -14.52 4.95
N ASP D 112 -14.92 -14.97 3.75
CA ASP D 112 -16.29 -15.39 3.50
C ASP D 112 -16.12 -16.80 2.96
N ILE D 113 -16.92 -17.73 3.48
CA ILE D 113 -16.80 -19.15 3.19
C ILE D 113 -18.18 -19.58 2.75
N ARG D 114 -18.26 -20.50 1.78
CA ARG D 114 -19.56 -21.01 1.40
C ARG D 114 -19.36 -22.43 0.89
N HIS D 115 -20.46 -23.15 0.81
CA HIS D 115 -20.53 -24.45 0.19
C HIS D 115 -20.76 -24.35 -1.33
N CYS D 116 -20.30 -25.38 -2.05
CA CYS D 116 -20.30 -25.24 -3.48
C CYS D 116 -20.24 -26.62 -4.07
N TYR D 117 -20.74 -26.76 -5.31
CA TYR D 117 -20.50 -27.96 -6.09
C TYR D 117 -19.54 -27.56 -7.20
N SER D 118 -18.59 -28.45 -7.54
CA SER D 118 -17.64 -28.09 -8.59
C SER D 118 -18.14 -28.65 -9.91
N ILE D 119 -18.32 -27.78 -10.90
CA ILE D 119 -18.51 -28.21 -12.29
C ILE D 119 -17.33 -27.79 -13.16
N GLN D 120 -16.19 -27.47 -12.54
CA GLN D 120 -14.99 -27.11 -13.29
C GLN D 120 -14.65 -28.23 -14.29
N HIS D 121 -14.57 -27.85 -15.56
CA HIS D 121 -14.29 -28.71 -16.71
C HIS D 121 -15.26 -29.86 -16.84
N CYS D 122 -16.48 -29.77 -16.28
CA CYS D 122 -17.40 -30.90 -16.47
C CYS D 122 -18.13 -30.78 -17.81
N PRO D 123 -18.19 -31.85 -18.58
CA PRO D 123 -19.07 -31.82 -19.76
C PRO D 123 -20.52 -31.73 -19.31
N LEU D 124 -21.26 -30.84 -19.95
CA LEU D 124 -22.67 -30.71 -19.69
C LEU D 124 -23.34 -30.46 -21.02
N LYS D 125 -24.58 -30.94 -21.15
CA LYS D 125 -25.38 -30.62 -22.33
C LYS D 125 -25.60 -29.10 -22.38
N GLY D 126 -25.48 -28.54 -23.58
CA GLY D 126 -25.63 -27.11 -23.77
C GLY D 126 -26.76 -26.82 -24.72
N SER D 127 -27.28 -25.59 -24.68
CA SER D 127 -28.18 -25.05 -25.70
C SER D 127 -27.84 -23.59 -25.95
N TRP D 128 -28.08 -23.15 -27.20
CA TRP D 128 -27.71 -21.79 -27.59
C TRP D 128 -28.72 -20.79 -27.07
N SER D 129 -28.23 -19.79 -26.33
CA SER D 129 -29.08 -18.72 -25.84
C SER D 129 -29.51 -17.80 -26.98
N GLU D 130 -30.60 -17.08 -26.74
CA GLU D 130 -30.95 -16.00 -27.66
C GLU D 130 -29.94 -14.88 -27.50
N TRP D 131 -29.99 -13.91 -28.42
CA TRP D 131 -29.04 -12.79 -28.41
C TRP D 131 -29.13 -12.03 -27.09
N SER D 132 -27.98 -11.74 -26.52
CA SER D 132 -27.92 -10.77 -25.43
C SER D 132 -28.23 -9.38 -25.97
N THR D 133 -28.58 -8.49 -25.07
CA THR D 133 -28.73 -7.09 -25.49
C THR D 133 -27.36 -6.53 -25.86
N TRP D 134 -27.36 -5.53 -26.73
CA TRP D 134 -26.09 -4.90 -27.12
C TRP D 134 -25.37 -4.37 -25.87
N GLY D 135 -24.04 -4.52 -25.84
CA GLY D 135 -23.22 -4.03 -24.75
C GLY D 135 -22.85 -2.56 -24.95
N LEU D 136 -21.93 -2.08 -24.13
CA LEU D 136 -21.40 -0.73 -24.27
C LEU D 136 -20.52 -0.61 -25.52
N CYS D 137 -20.40 0.62 -26.01
CA CYS D 137 -19.50 0.90 -27.11
C CYS D 137 -18.07 0.95 -26.59
N MET D 138 -17.17 0.16 -27.22
CA MET D 138 -15.83 0.03 -26.70
C MET D 138 -14.81 0.23 -27.82
N PRO D 139 -13.66 0.88 -27.51
CA PRO D 139 -13.31 1.76 -26.35
C PRO D 139 -14.21 3.01 -26.26
N PRO D 140 -14.64 3.45 -25.07
CA PRO D 140 -15.56 4.60 -24.98
C PRO D 140 -15.02 5.87 -25.57
N CYS D 141 -13.70 6.05 -25.51
CA CYS D 141 -13.07 7.27 -25.96
C CYS D 141 -12.08 7.07 -27.08
N GLY D 142 -11.85 5.84 -27.52
CA GLY D 142 -10.80 5.55 -28.48
C GLY D 142 -11.36 5.61 -29.86
N PRO D 143 -10.54 5.49 -30.89
CA PRO D 143 -11.07 5.55 -32.25
C PRO D 143 -12.04 4.41 -32.53
N ASN D 144 -13.07 4.74 -33.31
CA ASN D 144 -14.03 3.83 -33.85
C ASN D 144 -14.70 2.83 -32.84
N PRO D 145 -15.46 3.38 -31.89
CA PRO D 145 -16.10 2.48 -30.93
C PRO D 145 -17.09 1.55 -31.61
N THR D 146 -17.14 0.33 -31.08
CA THR D 146 -18.08 -0.70 -31.51
C THR D 146 -18.67 -1.38 -30.29
N ARG D 147 -19.90 -1.85 -30.46
CA ARG D 147 -20.62 -2.58 -29.44
C ARG D 147 -20.95 -3.98 -29.95
N ALA D 148 -21.24 -4.87 -29.02
CA ALA D 148 -21.35 -6.29 -29.35
C ALA D 148 -22.54 -6.92 -28.67
N ARG D 149 -23.00 -8.01 -29.25
CA ARG D 149 -23.97 -8.87 -28.58
C ARG D 149 -23.57 -10.29 -28.92
N GLN D 150 -24.08 -11.22 -28.11
CA GLN D 150 -23.63 -12.61 -28.23
C GLN D 150 -24.77 -13.56 -28.06
N ARG D 151 -24.63 -14.75 -28.69
CA ARG D 151 -25.34 -15.96 -28.31
C ARG D 151 -24.30 -16.91 -27.70
N LEU D 152 -24.69 -17.58 -26.64
CA LEU D 152 -23.80 -18.42 -25.86
C LEU D 152 -24.31 -19.83 -25.75
N CYS D 153 -23.38 -20.77 -25.78
CA CYS D 153 -23.74 -22.17 -25.55
C CYS D 153 -23.88 -22.32 -24.04
N THR D 154 -25.13 -22.35 -23.56
CA THR D 154 -25.41 -22.25 -22.13
C THR D 154 -25.57 -23.63 -21.53
N PRO D 155 -24.78 -23.99 -20.48
CA PRO D 155 -24.89 -25.35 -19.91
C PRO D 155 -26.18 -25.59 -19.17
N LEU D 156 -26.64 -26.83 -19.22
CA LEU D 156 -27.71 -27.32 -18.36
C LEU D 156 -27.10 -27.72 -17.03
N LEU D 157 -27.42 -27.02 -15.96
CA LEU D 157 -26.81 -27.33 -14.66
C LEU D 157 -27.42 -28.61 -14.12
N PRO D 158 -26.62 -29.47 -13.48
CA PRO D 158 -27.19 -30.70 -12.92
C PRO D 158 -28.20 -30.40 -11.84
N LYS D 159 -29.19 -31.27 -11.70
CA LYS D 159 -30.34 -30.97 -10.84
C LYS D 159 -30.13 -31.47 -9.40
N TYR D 160 -29.12 -30.88 -8.76
CA TYR D 160 -28.77 -31.17 -7.38
C TYR D 160 -29.58 -30.28 -6.45
N PRO D 161 -29.71 -30.64 -5.16
CA PRO D 161 -30.40 -29.72 -4.22
C PRO D 161 -29.67 -28.39 -4.11
N PRO D 162 -30.39 -27.25 -4.06
CA PRO D 162 -29.69 -25.98 -3.86
C PRO D 162 -29.23 -25.75 -2.44
N THR D 163 -29.72 -26.54 -1.49
CA THR D 163 -29.34 -26.40 -0.09
C THR D 163 -29.12 -27.79 0.47
N VAL D 164 -28.21 -27.90 1.43
CA VAL D 164 -27.83 -29.19 2.02
C VAL D 164 -27.58 -28.97 3.51
N SER D 165 -27.96 -29.97 4.32
CA SER D 165 -27.59 -30.03 5.73
C SER D 165 -26.35 -30.91 5.86
N MET D 166 -25.25 -30.30 6.22
CA MET D 166 -23.99 -31.02 6.42
C MET D 166 -23.97 -31.81 7.73
N VAL D 167 -24.78 -31.43 8.72
CA VAL D 167 -24.74 -32.00 10.06
C VAL D 167 -26.09 -32.66 10.33
N GLU D 168 -26.10 -33.68 11.21
CA GLU D 168 -27.34 -34.34 11.59
C GLU D 168 -28.32 -33.34 12.22
N GLY D 169 -27.79 -32.37 12.97
CA GLY D 169 -28.62 -31.28 13.43
C GLY D 169 -29.09 -30.43 12.28
N GLN D 170 -30.29 -29.88 12.42
CA GLN D 170 -30.92 -29.21 11.29
C GLN D 170 -30.14 -27.96 10.94
N GLY D 171 -30.14 -27.63 9.65
CA GLY D 171 -29.45 -26.44 9.19
C GLY D 171 -29.06 -26.54 7.72
N GLU D 172 -29.86 -25.92 6.84
CA GLU D 172 -29.71 -26.05 5.39
C GLU D 172 -28.89 -24.88 4.87
N LYS D 173 -27.62 -25.14 4.54
CA LYS D 173 -26.73 -24.14 3.97
C LYS D 173 -26.93 -24.13 2.46
N ASN D 174 -26.87 -22.96 1.84
CA ASN D 174 -26.96 -22.91 0.39
C ASN D 174 -25.73 -23.61 -0.21
N VAL D 175 -25.89 -24.15 -1.41
CA VAL D 175 -24.78 -24.73 -2.15
C VAL D 175 -24.84 -24.14 -3.56
N THR D 176 -23.72 -23.57 -4.02
CA THR D 176 -23.68 -22.85 -5.28
C THR D 176 -22.75 -23.52 -6.28
N PHE D 177 -23.16 -23.58 -7.52
CA PHE D 177 -22.27 -24.14 -8.53
C PHE D 177 -21.10 -23.22 -8.76
N TRP D 178 -19.93 -23.79 -8.84
CA TRP D 178 -18.72 -23.07 -9.15
C TRP D 178 -17.93 -23.78 -10.23
N GLY D 179 -17.28 -23.01 -11.10
CA GLY D 179 -16.28 -23.46 -12.04
C GLY D 179 -16.80 -23.32 -13.47
N ARG D 180 -15.86 -23.37 -14.44
CA ARG D 180 -16.24 -23.19 -15.83
C ARG D 180 -16.48 -24.57 -16.44
N PRO D 181 -17.71 -24.92 -16.77
CA PRO D 181 -17.92 -26.26 -17.36
C PRO D 181 -17.61 -26.27 -18.86
N LEU D 182 -17.90 -27.36 -19.53
CA LEU D 182 -17.60 -27.51 -20.96
C LEU D 182 -18.92 -27.84 -21.61
N PRO D 183 -19.74 -26.83 -21.91
CA PRO D 183 -21.07 -27.11 -22.45
C PRO D 183 -20.95 -27.60 -23.88
N ARG D 184 -21.84 -28.51 -24.26
CA ARG D 184 -21.83 -29.17 -25.56
C ARG D 184 -23.06 -28.77 -26.38
N CYS D 185 -22.82 -28.07 -27.49
CA CYS D 185 -23.84 -27.71 -28.45
C CYS D 185 -23.33 -28.05 -29.84
N GLU D 186 -24.24 -28.35 -30.78
CA GLU D 186 -23.80 -28.36 -32.17
C GLU D 186 -23.46 -26.94 -32.57
N GLU D 187 -22.54 -26.82 -33.55
CA GLU D 187 -22.05 -25.49 -33.90
C GLU D 187 -23.12 -24.60 -34.50
N LEU D 188 -22.99 -23.32 -34.20
CA LEU D 188 -23.80 -22.24 -34.75
C LEU D 188 -22.84 -21.28 -35.40
N GLN D 189 -23.06 -20.99 -36.67
CA GLN D 189 -22.25 -20.09 -37.47
C GLN D 189 -20.75 -20.46 -37.39
N GLY D 190 -20.45 -21.74 -37.35
CA GLY D 190 -19.08 -22.19 -37.25
C GLY D 190 -18.47 -22.19 -35.86
N GLN D 191 -19.24 -21.85 -34.82
CA GLN D 191 -18.74 -21.76 -33.43
C GLN D 191 -19.40 -22.77 -32.49
N LYS D 192 -18.63 -23.30 -31.54
CA LYS D 192 -19.14 -24.23 -30.52
C LYS D 192 -19.59 -23.52 -29.22
N LEU D 193 -19.13 -22.32 -28.96
CA LEU D 193 -19.33 -21.76 -27.63
C LEU D 193 -19.86 -20.32 -27.59
N VAL D 194 -19.41 -19.46 -28.48
CA VAL D 194 -19.88 -18.08 -28.50
C VAL D 194 -19.96 -17.65 -29.94
N VAL D 195 -21.06 -17.02 -30.30
CA VAL D 195 -21.21 -16.35 -31.56
C VAL D 195 -21.40 -14.90 -31.22
N GLU D 196 -20.73 -14.01 -31.95
CA GLU D 196 -20.75 -12.61 -31.56
C GLU D 196 -20.94 -11.77 -32.79
N GLU D 197 -21.78 -10.74 -32.70
CA GLU D 197 -21.90 -9.76 -33.76
C GLU D 197 -21.66 -8.36 -33.19
N LYS D 198 -21.10 -7.52 -34.04
CA LYS D 198 -20.65 -6.19 -33.64
C LYS D 198 -21.21 -5.15 -34.59
N ARG D 199 -21.38 -3.94 -34.06
CA ARG D 199 -21.96 -2.81 -34.78
C ARG D 199 -21.21 -1.56 -34.36
N PRO D 200 -20.82 -0.68 -35.30
CA PRO D 200 -20.26 0.61 -34.89
C PRO D 200 -21.28 1.45 -34.13
N CYS D 201 -20.80 2.21 -33.15
CA CYS D 201 -21.60 3.29 -32.57
C CYS D 201 -21.42 4.50 -33.46
N LEU D 202 -22.48 5.31 -33.53
CA LEU D 202 -22.59 6.41 -34.49
C LEU D 202 -22.56 7.76 -33.77
N HIS D 203 -21.94 8.75 -34.45
CA HIS D 203 -21.89 10.13 -33.95
C HIS D 203 -21.38 10.18 -32.51
N VAL D 204 -20.24 9.55 -32.29
CA VAL D 204 -19.70 9.40 -30.94
C VAL D 204 -19.28 10.76 -30.43
N PRO D 205 -19.76 11.23 -29.29
CA PRO D 205 -19.22 12.47 -28.74
C PRO D 205 -17.85 12.26 -28.13
N ALA D 206 -17.06 13.31 -28.09
CA ALA D 206 -15.72 13.24 -27.52
C ALA D 206 -15.78 13.15 -26.00
N CYS D 207 -14.78 12.53 -25.43
CA CYS D 207 -14.64 12.45 -23.97
C CYS D 207 -13.92 13.70 -23.51
N LYS D 208 -14.65 14.65 -22.98
CA LYS D 208 -14.05 15.89 -22.44
C LYS D 208 -14.35 15.99 -20.94
N ASP D 209 -13.33 16.19 -20.14
CA ASP D 209 -13.60 16.34 -18.70
C ASP D 209 -14.37 17.64 -18.46
N PRO D 210 -15.56 17.61 -17.86
CA PRO D 210 -16.26 18.88 -17.55
C PRO D 210 -15.46 19.82 -16.66
N GLU D 211 -14.67 19.26 -15.74
CA GLU D 211 -13.93 19.95 -14.67
C GLU D 211 -14.29 21.39 -14.30
N ASP E 1 33.91 20.87 -6.72
CA ASP E 1 33.11 21.77 -7.56
C ASP E 1 31.87 22.12 -6.74
N PRO E 2 31.53 23.41 -6.56
CA PRO E 2 30.39 23.74 -5.69
C PRO E 2 29.08 23.18 -6.25
N VAL E 3 28.18 22.86 -5.33
CA VAL E 3 26.91 22.22 -5.65
C VAL E 3 25.80 22.88 -4.83
N LEU E 4 24.59 22.88 -5.39
CA LEU E 4 23.38 23.24 -4.65
C LEU E 4 22.88 21.99 -3.95
N CYS E 5 22.73 22.06 -2.62
CA CYS E 5 22.40 20.93 -1.79
C CYS E 5 21.00 21.11 -1.25
N PHE E 6 20.19 20.02 -1.32
CA PHE E 6 18.82 20.15 -0.90
C PHE E 6 18.50 18.97 0.04
N THR E 7 17.43 19.14 0.80
CA THR E 7 17.08 18.20 1.84
C THR E 7 16.15 17.08 1.38
N GLN E 8 15.60 17.16 0.17
CA GLN E 8 14.64 16.17 -0.30
C GLN E 8 14.79 15.92 -1.81
N TYR E 9 14.47 14.70 -2.22
CA TYR E 9 14.34 14.31 -3.61
C TYR E 9 12.89 13.92 -3.81
N GLU E 10 12.23 14.55 -4.79
CA GLU E 10 10.80 14.35 -4.98
C GLU E 10 10.47 12.93 -5.39
N GLU E 11 11.33 12.28 -6.19
CA GLU E 11 11.18 10.88 -6.61
C GLU E 11 10.04 10.64 -7.60
N SER E 12 8.84 11.14 -7.30
CA SER E 12 7.79 11.14 -8.31
C SER E 12 8.21 12.00 -9.49
N SER E 13 8.99 13.05 -9.24
CA SER E 13 9.73 13.77 -10.25
C SER E 13 11.19 13.89 -9.85
N GLY E 14 12.04 14.11 -10.85
CA GLY E 14 13.46 14.26 -10.57
C GLY E 14 13.80 15.69 -10.23
N LYS E 15 13.10 16.22 -9.22
CA LYS E 15 13.18 17.61 -8.82
C LYS E 15 13.62 17.68 -7.38
N CYS E 16 14.66 18.46 -7.13
CA CYS E 16 15.13 18.73 -5.78
C CYS E 16 14.20 19.67 -5.03
N LYS E 17 14.14 19.48 -3.71
CA LYS E 17 13.27 20.27 -2.85
C LYS E 17 13.92 20.60 -1.52
N GLY E 18 13.66 21.80 -1.03
CA GLY E 18 14.14 22.18 0.27
C GLY E 18 15.58 22.62 0.24
N LEU E 19 15.84 23.73 -0.46
CA LEU E 19 17.21 24.18 -0.66
C LEU E 19 17.87 24.51 0.67
N LEU E 20 19.07 23.96 0.83
CA LEU E 20 19.88 24.26 1.99
C LEU E 20 20.82 25.40 1.66
N GLY E 21 21.35 25.41 0.44
CA GLY E 21 22.23 26.48 0.00
C GLY E 21 23.32 25.93 -0.90
N GLY E 22 24.08 26.81 -1.51
CA GLY E 22 25.16 26.45 -2.40
C GLY E 22 26.49 26.34 -1.70
N GLY E 23 27.55 26.38 -2.50
CA GLY E 23 28.89 26.54 -1.98
C GLY E 23 29.46 25.36 -1.26
N VAL E 24 28.93 24.15 -1.50
CA VAL E 24 29.34 22.97 -0.76
C VAL E 24 29.54 21.85 -1.76
N SER E 25 30.51 20.97 -1.47
CA SER E 25 30.83 19.85 -2.33
C SER E 25 29.74 18.78 -2.27
N VAL E 26 29.66 17.98 -3.34
CA VAL E 26 28.68 16.90 -3.34
C VAL E 26 28.99 15.90 -2.26
N GLU E 27 30.28 15.71 -1.93
CA GLU E 27 30.64 14.80 -0.86
C GLU E 27 30.06 15.27 0.45
N ASP E 28 30.24 16.54 0.78
CA ASP E 28 29.66 17.01 2.04
C ASP E 28 28.14 17.00 1.97
N CYS E 29 27.56 17.35 0.82
CA CYS E 29 26.10 17.34 0.70
C CYS E 29 25.52 15.93 0.93
N CYS E 30 26.12 14.91 0.35
CA CYS E 30 25.59 13.57 0.42
C CYS E 30 26.11 12.80 1.62
N LEU E 31 26.75 13.46 2.60
CA LEU E 31 27.01 12.79 3.87
C LEU E 31 25.71 12.35 4.49
N ASN E 32 24.63 13.12 4.30
CA ASN E 32 23.29 12.61 4.56
C ASN E 32 22.72 12.04 3.25
N THR E 33 22.55 10.70 3.17
CA THR E 33 22.11 10.14 1.89
C THR E 33 20.64 10.39 1.63
N ALA E 34 19.92 11.01 2.55
CA ALA E 34 18.56 11.43 2.24
C ALA E 34 18.51 12.73 1.44
N PHE E 35 19.63 13.43 1.28
CA PHE E 35 19.67 14.72 0.59
C PHE E 35 19.72 14.51 -0.91
N ALA E 36 19.65 15.63 -1.64
CA ALA E 36 19.71 15.65 -3.08
C ALA E 36 20.47 16.90 -3.48
N TYR E 37 20.85 16.93 -4.75
CA TYR E 37 21.73 17.98 -5.23
C TYR E 37 21.52 18.24 -6.71
N GLN E 38 21.79 19.48 -7.10
CA GLN E 38 21.83 19.91 -8.49
C GLN E 38 23.22 20.47 -8.75
N LYS E 39 23.83 20.05 -9.85
CA LYS E 39 25.11 20.62 -10.24
C LYS E 39 25.00 22.08 -10.66
N ARG E 40 23.83 22.49 -11.20
CA ARG E 40 23.57 23.86 -11.61
C ARG E 40 22.10 24.17 -11.36
N SER E 41 21.79 25.46 -11.23
CA SER E 41 20.48 25.89 -10.74
C SER E 41 19.33 25.43 -11.63
N GLY E 42 19.54 25.37 -12.96
CA GLY E 42 18.53 24.95 -13.89
C GLY E 42 18.87 23.62 -14.54
N GLY E 43 19.30 22.65 -13.72
CA GLY E 43 19.79 21.37 -14.21
C GLY E 43 19.23 20.20 -13.40
N LEU E 44 19.67 19.01 -13.78
CA LEU E 44 19.08 17.80 -13.22
C LEU E 44 19.41 17.65 -11.74
N CYS E 45 18.39 17.23 -11.00
CA CYS E 45 18.55 16.82 -9.62
C CYS E 45 18.92 15.34 -9.52
N GLN E 46 19.92 15.02 -8.69
CA GLN E 46 20.31 13.65 -8.34
C GLN E 46 20.17 13.45 -6.83
N PRO E 47 19.49 12.38 -6.37
CA PRO E 47 19.51 12.10 -4.93
C PRO E 47 20.88 11.62 -4.51
N CYS E 48 21.17 11.76 -3.21
CA CYS E 48 22.40 11.27 -2.63
C CYS E 48 22.37 9.77 -2.32
N ARG E 49 21.22 9.12 -2.43
CA ARG E 49 21.19 7.70 -2.13
C ARG E 49 21.89 6.92 -3.23
N SER E 50 22.17 5.65 -2.92
CA SER E 50 22.94 4.80 -3.83
C SER E 50 22.18 4.61 -5.12
N PRO E 51 22.84 4.56 -6.28
CA PRO E 51 22.09 4.60 -7.54
C PRO E 51 21.18 3.40 -7.74
N ARG E 52 20.08 3.69 -8.41
CA ARG E 52 19.09 2.71 -8.83
C ARG E 52 18.36 3.33 -9.99
N TRP E 53 17.75 2.46 -10.79
CA TRP E 53 17.00 2.93 -11.94
C TRP E 53 15.74 3.64 -11.47
N SER E 54 15.45 4.74 -12.11
CA SER E 54 14.19 5.41 -11.95
C SER E 54 13.11 4.65 -12.72
N LEU E 55 11.85 5.03 -12.44
CA LEU E 55 10.72 4.47 -13.16
C LEU E 55 10.70 4.91 -14.63
N TRP E 56 10.11 4.09 -15.49
CA TRP E 56 10.03 4.44 -16.91
C TRP E 56 9.23 5.71 -17.13
N SER E 57 9.72 6.56 -18.04
CA SER E 57 8.91 7.68 -18.48
C SER E 57 7.71 7.16 -19.26
N THR E 58 6.70 8.02 -19.37
CA THR E 58 5.60 7.75 -20.28
C THR E 58 6.12 7.64 -21.69
N TRP E 59 5.43 6.84 -22.49
CA TRP E 59 5.75 6.85 -23.90
C TRP E 59 5.42 8.20 -24.52
N ALA E 60 6.37 8.71 -25.30
CA ALA E 60 6.19 9.94 -26.03
C ALA E 60 5.15 9.71 -27.12
N PRO E 61 4.58 10.77 -27.69
CA PRO E 61 3.56 10.58 -28.72
C PRO E 61 4.08 9.85 -29.94
N CYS E 62 3.18 9.14 -30.59
CA CYS E 62 3.57 8.33 -31.73
C CYS E 62 4.11 9.24 -32.82
N SER E 63 5.16 8.76 -33.50
CA SER E 63 5.93 9.62 -34.40
C SER E 63 5.11 10.08 -35.60
N VAL E 64 4.02 9.39 -35.92
CA VAL E 64 3.08 9.85 -36.92
C VAL E 64 1.69 9.75 -36.35
N THR E 65 0.82 10.67 -36.79
CA THR E 65 -0.58 10.74 -36.41
C THR E 65 -1.44 9.72 -37.10
N CYS E 66 -0.93 9.04 -38.13
CA CYS E 66 -1.70 8.05 -38.85
C CYS E 66 -0.74 7.01 -39.42
N SER E 67 -1.22 5.78 -39.53
CA SER E 67 -0.41 4.62 -39.87
C SER E 67 0.69 4.34 -38.84
N GLU E 68 1.50 3.33 -39.12
CA GLU E 68 2.49 2.87 -38.15
C GLU E 68 3.60 3.88 -37.93
N GLY E 69 3.96 4.06 -36.67
CA GLY E 69 5.10 4.86 -36.28
C GLY E 69 5.90 4.20 -35.19
N SER E 70 6.62 5.00 -34.40
CA SER E 70 7.48 4.49 -33.34
C SER E 70 7.44 5.50 -32.21
N GLN E 71 7.84 5.07 -31.01
CA GLN E 71 7.60 5.82 -29.79
C GLN E 71 8.65 5.44 -28.78
N LEU E 72 9.18 6.41 -28.05
CA LEU E 72 10.25 6.20 -27.09
C LEU E 72 9.78 6.41 -25.67
N ARG E 73 10.41 5.69 -24.74
CA ARG E 73 10.40 6.00 -23.32
C ARG E 73 11.79 5.73 -22.72
N TYR E 74 12.01 6.26 -21.52
CA TYR E 74 13.33 6.15 -20.94
C TYR E 74 13.23 6.14 -19.42
N ARG E 75 14.35 5.72 -18.82
CA ARG E 75 14.58 5.81 -17.40
C ARG E 75 16.04 6.16 -17.23
N ARG E 76 16.35 6.66 -16.03
CA ARG E 76 17.64 7.23 -15.71
C ARG E 76 18.20 6.52 -14.48
N CYS E 77 19.52 6.39 -14.48
CA CYS E 77 20.24 5.93 -13.30
C CYS E 77 20.37 7.16 -12.41
N VAL E 78 19.70 7.12 -11.27
CA VAL E 78 19.62 8.27 -10.36
C VAL E 78 20.20 7.88 -9.02
N GLY E 79 21.05 8.75 -8.47
CA GLY E 79 21.71 8.54 -7.20
C GLY E 79 23.12 9.05 -7.32
N TRP E 80 23.96 8.65 -6.36
CA TRP E 80 25.32 9.14 -6.31
C TRP E 80 26.23 8.08 -5.69
N ASN E 81 27.47 8.03 -6.17
CA ASN E 81 28.51 7.19 -5.59
C ASN E 81 28.19 5.69 -5.72
N GLY E 82 28.06 5.24 -6.96
CA GLY E 82 27.87 3.82 -7.21
C GLY E 82 27.50 3.59 -8.66
N GLN E 83 26.83 2.47 -8.91
CA GLN E 83 26.39 2.11 -10.25
C GLN E 83 25.07 1.35 -10.20
N CYS E 84 24.20 1.64 -11.16
CA CYS E 84 22.96 0.90 -11.33
C CYS E 84 23.26 -0.44 -11.98
N SER E 85 22.34 -1.40 -11.79
CA SER E 85 22.52 -2.73 -12.34
C SER E 85 22.71 -2.64 -13.85
N GLY E 86 23.72 -3.34 -14.34
CA GLY E 86 24.31 -3.05 -15.63
C GLY E 86 25.66 -2.39 -15.57
N LYS E 87 26.15 -2.05 -14.37
CA LYS E 87 27.47 -1.44 -14.19
C LYS E 87 27.61 -0.15 -15.02
N VAL E 88 26.78 0.83 -14.65
CA VAL E 88 26.67 2.10 -15.35
C VAL E 88 26.59 3.25 -14.34
N ALA E 89 27.12 4.41 -14.76
CA ALA E 89 27.26 5.58 -13.90
C ALA E 89 25.93 6.27 -13.66
N PRO E 90 25.83 7.06 -12.59
CA PRO E 90 24.62 7.87 -12.40
C PRO E 90 24.45 8.85 -13.55
N GLY E 91 23.19 9.11 -13.90
CA GLY E 91 22.83 10.03 -14.96
C GLY E 91 22.56 9.40 -16.31
N THR E 92 23.04 8.17 -16.50
CA THR E 92 22.88 7.49 -17.79
C THR E 92 21.42 7.11 -18.04
N LEU E 93 21.00 7.21 -19.32
CA LEU E 93 19.67 6.81 -19.74
C LEU E 93 19.72 5.41 -20.34
N GLU E 94 18.64 4.65 -20.11
CA GLU E 94 18.27 3.50 -20.94
C GLU E 94 16.97 3.84 -21.66
N TRP E 95 16.85 3.34 -22.90
CA TRP E 95 15.75 3.70 -23.77
C TRP E 95 15.06 2.43 -24.21
N GLN E 96 13.73 2.51 -24.40
CA GLN E 96 12.97 1.48 -25.10
C GLN E 96 12.15 2.10 -26.23
N LEU E 97 12.01 1.35 -27.32
CA LEU E 97 11.30 1.79 -28.50
C LEU E 97 10.30 0.73 -28.89
N GLN E 98 9.06 1.16 -29.16
CA GLN E 98 8.03 0.22 -29.62
C GLN E 98 7.29 0.86 -30.79
N ALA E 99 6.69 0.02 -31.61
CA ALA E 99 5.78 0.46 -32.66
C ALA E 99 4.48 0.99 -32.08
N CYS E 100 3.84 1.88 -32.82
CA CYS E 100 2.59 2.49 -32.38
C CYS E 100 1.79 2.92 -33.61
N GLU E 101 0.48 3.09 -33.41
CA GLU E 101 -0.41 3.47 -34.51
C GLU E 101 -1.64 4.15 -33.93
N ASP E 102 -1.81 5.46 -34.21
CA ASP E 102 -3.01 6.17 -33.77
C ASP E 102 -4.15 5.79 -34.71
N GLN E 103 -4.22 6.43 -35.88
CA GLN E 103 -5.10 6.01 -36.95
C GLN E 103 -4.40 4.96 -37.83
N GLN E 104 -5.20 4.04 -38.41
CA GLN E 104 -4.64 3.07 -39.34
C GLN E 104 -4.35 3.69 -40.70
N ALA E 105 -5.25 4.54 -41.21
CA ALA E 105 -5.15 5.14 -42.53
C ALA E 105 -5.05 6.66 -42.41
N CYS E 106 -4.36 7.28 -43.37
CA CYS E 106 -4.03 8.70 -43.30
C CYS E 106 -5.07 9.57 -44.01
N PRO E 107 -5.67 10.56 -43.33
CA PRO E 107 -6.48 11.50 -44.11
C PRO E 107 -5.63 12.30 -45.08
N GLY F 1 37.08 54.72 14.70
CA GLY F 1 36.44 55.85 14.02
C GLY F 1 35.03 56.12 14.47
N VAL F 2 34.42 57.22 14.03
CA VAL F 2 33.02 57.47 14.39
C VAL F 2 32.11 56.43 13.74
N ALA F 3 32.32 56.16 12.46
CA ALA F 3 31.49 55.18 11.76
C ALA F 3 31.82 53.79 12.30
N GLY F 4 30.82 52.95 12.36
CA GLY F 4 31.03 51.58 12.77
C GLY F 4 31.46 50.70 11.61
N GLY F 5 31.87 49.47 11.93
CA GLY F 5 32.20 48.51 10.89
C GLY F 5 31.96 47.08 11.34
N TRP F 6 31.40 46.21 10.49
CA TRP F 6 31.06 44.87 10.92
C TRP F 6 32.27 43.96 11.09
N GLY F 7 32.23 43.15 12.15
CA GLY F 7 33.18 42.09 12.29
C GLY F 7 32.81 40.88 11.47
N PRO F 8 33.69 39.87 11.47
CA PRO F 8 33.43 38.64 10.70
C PRO F 8 32.21 37.87 11.17
N TRP F 9 31.53 37.22 10.23
CA TRP F 9 30.41 36.33 10.55
C TRP F 9 30.92 35.14 11.38
N GLY F 10 30.02 34.60 12.23
CA GLY F 10 30.31 33.39 12.98
C GLY F 10 29.07 32.66 13.46
N PRO F 11 29.18 31.36 13.76
CA PRO F 11 27.98 30.61 14.16
C PRO F 11 27.40 31.15 15.46
N VAL F 12 26.08 31.15 15.55
CA VAL F 12 25.42 31.51 16.80
C VAL F 12 25.50 30.35 17.80
N SER F 13 25.36 29.13 17.32
CA SER F 13 25.17 27.94 18.13
C SER F 13 25.87 26.80 17.42
N PRO F 14 26.19 25.69 18.11
CA PRO F 14 26.74 24.53 17.41
C PRO F 14 25.74 24.00 16.40
N CYS F 15 26.25 23.27 15.43
CA CYS F 15 25.39 22.84 14.33
C CYS F 15 24.27 21.98 14.91
N PRO F 16 22.98 22.25 14.53
CA PRO F 16 21.87 21.57 15.21
C PRO F 16 21.50 20.18 14.66
N VAL F 17 22.41 19.54 13.97
CA VAL F 17 22.20 18.16 13.49
C VAL F 17 23.37 17.36 14.05
N THR F 18 23.15 16.04 14.15
CA THR F 18 24.17 15.09 14.58
C THR F 18 24.95 14.45 13.45
N CYS F 19 24.64 14.74 12.18
CA CYS F 19 25.45 14.26 11.07
C CYS F 19 25.14 15.10 9.84
N GLY F 20 26.08 15.08 8.89
CA GLY F 20 25.87 15.72 7.61
C GLY F 20 25.86 17.22 7.78
N LEU F 21 25.20 17.87 6.84
CA LEU F 21 24.97 19.32 6.85
C LEU F 21 23.64 19.66 7.52
N GLY F 22 23.56 20.90 8.00
CA GLY F 22 22.33 21.45 8.55
C GLY F 22 22.36 22.93 8.29
N GLN F 23 21.31 23.63 8.71
CA GLN F 23 21.28 25.08 8.69
C GLN F 23 21.42 25.62 10.09
N THR F 24 22.14 26.73 10.20
CA THR F 24 22.36 27.39 11.46
C THR F 24 22.19 28.88 11.22
N MET F 25 21.91 29.60 12.31
CA MET F 25 22.01 31.04 12.25
C MET F 25 23.47 31.44 12.42
N GLU F 26 23.85 32.53 11.77
CA GLU F 26 25.16 33.13 11.98
C GLU F 26 24.91 34.59 12.29
N GLN F 27 25.90 35.19 12.93
CA GLN F 27 25.75 36.56 13.40
C GLN F 27 27.11 37.25 13.27
N ARG F 28 27.07 38.56 13.47
CA ARG F 28 28.27 39.37 13.45
C ARG F 28 28.05 40.57 14.33
N THR F 29 29.16 41.17 14.76
CA THR F 29 29.11 42.23 15.75
C THR F 29 29.63 43.54 15.18
N CYS F 30 28.97 44.62 15.57
CA CYS F 30 29.39 45.95 15.14
C CYS F 30 30.52 46.39 16.05
N ASN F 31 31.75 46.01 15.68
CA ASN F 31 32.90 46.36 16.51
C ASN F 31 34.20 46.54 15.73
N HIS F 32 34.14 46.78 14.43
CA HIS F 32 35.35 46.77 13.59
C HIS F 32 35.32 48.03 12.73
N PRO F 33 35.39 49.21 13.33
CA PRO F 33 35.44 49.59 14.74
C PRO F 33 34.07 49.77 15.37
N VAL F 34 34.03 49.87 16.69
CA VAL F 34 32.79 50.25 17.40
C VAL F 34 32.46 51.70 17.07
N PRO F 35 31.16 52.09 16.93
CA PRO F 35 30.84 53.51 16.71
C PRO F 35 31.21 54.36 17.90
N GLN F 36 31.57 55.63 17.63
CA GLN F 36 32.16 56.53 18.60
C GLN F 36 31.78 57.96 18.23
N HIS F 37 31.76 58.85 19.22
CA HIS F 37 31.40 60.26 19.04
C HIS F 37 30.02 60.40 18.42
N GLY F 38 29.10 59.56 18.87
CA GLY F 38 27.77 59.63 18.32
C GLY F 38 27.67 59.14 16.89
N GLY F 39 28.68 58.42 16.40
CA GLY F 39 28.76 58.07 14.99
C GLY F 39 27.75 57.03 14.55
N PRO F 40 27.60 56.85 13.23
CA PRO F 40 26.59 55.91 12.75
C PRO F 40 26.84 54.45 13.14
N PHE F 41 25.75 53.76 13.45
CA PHE F 41 25.77 52.35 13.73
C PHE F 41 25.85 51.56 12.42
N CYS F 42 26.31 50.32 12.51
CA CYS F 42 26.50 49.51 11.31
C CYS F 42 25.21 49.25 10.53
N ALA F 43 25.26 49.51 9.21
CA ALA F 43 24.14 49.22 8.32
C ALA F 43 24.21 47.76 7.89
N GLY F 44 23.04 47.16 7.70
CA GLY F 44 22.95 45.79 7.19
C GLY F 44 22.43 44.84 8.25
N ASP F 45 22.32 43.57 7.83
CA ASP F 45 21.85 42.53 8.72
C ASP F 45 22.93 42.19 9.72
N ALA F 46 22.54 41.93 10.97
CA ALA F 46 23.47 41.41 11.97
C ALA F 46 23.49 39.88 12.01
N THR F 47 22.56 39.23 11.29
CA THR F 47 22.39 37.78 11.35
C THR F 47 21.96 37.27 9.98
N ARG F 48 22.14 35.97 9.78
CA ARG F 48 21.67 35.35 8.53
C ARG F 48 21.60 33.86 8.79
N THR F 49 20.88 33.14 7.93
CA THR F 49 20.91 31.69 7.93
C THR F 49 22.03 31.22 7.00
N HIS F 50 22.66 30.09 7.38
CA HIS F 50 23.80 29.58 6.66
C HIS F 50 23.98 28.08 6.95
N ILE F 51 24.64 27.41 6.02
CA ILE F 51 24.94 25.98 6.17
C ILE F 51 26.04 25.77 7.19
N CYS F 52 25.91 24.69 7.99
CA CYS F 52 26.95 24.20 8.86
C CYS F 52 27.17 22.72 8.52
N ASN F 53 28.43 22.30 8.64
CA ASN F 53 28.85 20.96 8.27
C ASN F 53 29.38 20.29 9.52
N THR F 54 28.69 19.25 10.00
CA THR F 54 29.24 18.49 11.10
C THR F 54 30.44 17.67 10.65
N ALA F 55 30.56 17.42 9.36
CA ALA F 55 31.56 16.52 8.79
C ALA F 55 31.41 15.03 9.22
N VAL F 56 30.30 14.65 9.86
CA VAL F 56 30.05 13.26 10.31
C VAL F 56 29.13 12.61 9.34
N PRO F 57 29.46 11.46 8.72
CA PRO F 57 28.50 10.77 7.85
C PRO F 57 27.31 10.23 8.63
N CYS F 58 26.15 10.30 7.99
CA CYS F 58 24.95 9.82 8.65
C CYS F 58 24.85 8.31 8.45
N PRO F 59 24.08 7.61 9.30
CA PRO F 59 23.84 6.19 9.07
C PRO F 59 23.15 5.96 7.75
N VAL F 60 23.49 4.81 7.12
CA VAL F 60 22.92 4.39 5.85
C VAL F 60 22.34 3.00 6.09
N ASP F 61 21.01 2.87 5.99
CA ASP F 61 20.38 1.61 6.30
C ASP F 61 20.59 0.67 5.13
N GLY F 62 20.68 -0.60 5.42
CA GLY F 62 20.87 -1.56 4.36
C GLY F 62 19.59 -1.75 3.61
N GLU F 63 19.73 -2.24 2.37
CA GLU F 63 18.57 -2.57 1.58
C GLU F 63 18.86 -3.88 0.82
N TRP F 64 17.85 -4.69 0.65
CA TRP F 64 18.06 -5.95 -0.08
C TRP F 64 18.38 -5.73 -1.53
N ASP F 65 19.35 -6.46 -2.04
CA ASP F 65 19.46 -6.56 -3.50
C ASP F 65 18.40 -7.54 -4.02
N SER F 66 18.41 -7.76 -5.33
CA SER F 66 17.41 -8.62 -5.95
C SER F 66 17.70 -10.10 -5.71
N TRP F 67 16.62 -10.87 -5.61
CA TRP F 67 16.79 -12.31 -5.42
C TRP F 67 17.64 -12.86 -6.56
N GLY F 68 18.58 -13.73 -6.20
CA GLY F 68 19.35 -14.42 -7.21
C GLY F 68 18.52 -15.55 -7.79
N GLU F 69 19.19 -16.37 -8.62
CA GLU F 69 18.51 -17.48 -9.30
C GLU F 69 18.24 -18.67 -8.39
N TRP F 70 17.16 -19.37 -8.68
CA TRP F 70 16.87 -20.60 -7.96
C TRP F 70 18.02 -21.59 -8.20
N SER F 71 18.46 -22.26 -7.13
CA SER F 71 19.49 -23.29 -7.28
C SER F 71 18.87 -24.53 -7.95
N PRO F 72 19.69 -25.46 -8.44
CA PRO F 72 19.12 -26.64 -9.16
C PRO F 72 18.23 -27.49 -8.27
N CYS F 73 17.17 -28.02 -8.85
CA CYS F 73 16.24 -28.81 -8.09
C CYS F 73 16.87 -30.15 -7.75
N ILE F 74 17.09 -30.42 -6.44
CA ILE F 74 17.79 -31.62 -5.98
C ILE F 74 17.14 -32.15 -4.70
N ARG F 75 17.44 -33.42 -4.42
CA ARG F 75 17.02 -34.11 -3.24
C ARG F 75 18.29 -34.68 -2.61
N ARG F 76 18.41 -34.54 -1.28
CA ARG F 76 19.68 -34.79 -0.61
C ARG F 76 20.12 -36.24 -0.70
N ASN F 77 19.18 -37.19 -0.77
CA ASN F 77 19.54 -38.59 -0.80
C ASN F 77 19.77 -39.16 -2.20
N MET F 78 19.70 -38.35 -3.27
CA MET F 78 19.74 -38.90 -4.63
C MET F 78 20.60 -38.03 -5.53
N LYS F 79 21.27 -38.68 -6.49
CA LYS F 79 22.21 -37.98 -7.38
C LYS F 79 21.46 -37.08 -8.37
N SER F 80 20.45 -37.63 -9.06
CA SER F 80 19.67 -36.86 -10.01
C SER F 80 18.22 -37.31 -9.98
N ILE F 81 17.31 -36.37 -9.84
CA ILE F 81 15.86 -36.58 -9.87
C ILE F 81 15.23 -36.13 -11.17
N SER F 82 16.05 -35.76 -12.17
CA SER F 82 15.54 -35.22 -13.43
C SER F 82 14.64 -36.25 -14.09
N CYS F 83 13.57 -35.78 -14.68
CA CYS F 83 12.72 -36.61 -15.53
C CYS F 83 12.03 -37.70 -14.74
N GLN F 84 11.81 -37.52 -13.45
CA GLN F 84 11.16 -38.52 -12.60
C GLN F 84 10.20 -37.77 -11.69
N GLU F 85 9.13 -38.45 -11.27
CA GLU F 85 8.16 -37.83 -10.38
C GLU F 85 8.69 -37.95 -8.95
N ILE F 86 9.69 -37.13 -8.66
CA ILE F 86 10.35 -37.08 -7.37
C ILE F 86 10.44 -35.59 -6.98
N PRO F 87 9.71 -35.13 -5.96
CA PRO F 87 9.92 -33.74 -5.51
C PRO F 87 11.32 -33.56 -4.94
N GLY F 88 11.89 -32.39 -5.21
CA GLY F 88 13.16 -32.05 -4.66
C GLY F 88 13.00 -30.73 -3.95
N GLN F 89 14.10 -30.05 -3.70
CA GLN F 89 14.04 -28.74 -3.07
C GLN F 89 15.04 -27.84 -3.76
N GLN F 90 14.83 -26.53 -3.56
CA GLN F 90 15.48 -25.50 -4.36
C GLN F 90 15.43 -24.28 -3.49
N SER F 91 16.39 -23.41 -3.65
CA SER F 91 16.35 -22.13 -2.92
C SER F 91 17.05 -21.01 -3.65
N ARG F 92 16.79 -19.79 -3.17
CA ARG F 92 17.42 -18.64 -3.73
C ARG F 92 17.58 -17.65 -2.57
N GLY F 93 18.52 -16.74 -2.73
CA GLY F 93 18.82 -15.79 -1.67
C GLY F 93 19.07 -14.41 -2.24
N ARG F 94 19.24 -13.46 -1.31
CA ARG F 94 19.55 -12.09 -1.64
C ARG F 94 20.41 -11.59 -0.48
N THR F 95 21.00 -10.43 -0.66
CA THR F 95 21.98 -9.91 0.28
C THR F 95 21.62 -8.49 0.66
N CYS F 96 21.89 -8.16 1.90
CA CYS F 96 21.71 -6.79 2.42
C CYS F 96 22.91 -5.97 1.98
N ARG F 97 22.67 -4.92 1.20
CA ARG F 97 23.74 -4.09 0.65
C ARG F 97 23.61 -2.65 1.20
N GLY F 98 24.75 -1.97 1.36
CA GLY F 98 24.86 -0.54 1.65
C GLY F 98 24.80 -0.12 3.10
N ARG F 99 24.59 -1.06 4.03
CA ARG F 99 24.59 -0.65 5.45
C ARG F 99 25.93 -0.06 5.85
N LYS F 100 25.89 1.09 6.56
CA LYS F 100 27.14 1.78 6.80
C LYS F 100 26.90 2.83 7.90
N PHE F 101 27.94 3.08 8.66
CA PHE F 101 27.92 4.09 9.78
C PHE F 101 26.74 3.89 10.71
N ASP F 102 26.52 2.63 11.13
CA ASP F 102 25.50 2.27 12.11
C ASP F 102 24.08 2.38 11.57
N GLY F 103 23.90 2.19 10.26
CA GLY F 103 22.53 2.10 9.76
C GLY F 103 21.90 0.76 10.14
N HIS F 104 20.59 0.64 9.87
CA HIS F 104 19.87 -0.55 10.21
C HIS F 104 20.25 -1.70 9.30
N ARG F 105 20.08 -2.90 9.84
CA ARG F 105 20.12 -4.13 9.06
C ARG F 105 18.82 -4.27 8.24
N CYS F 106 18.86 -5.09 7.24
CA CYS F 106 17.67 -5.33 6.43
C CYS F 106 16.75 -6.28 7.16
N ALA F 107 15.44 -6.03 7.11
CA ALA F 107 14.48 -6.93 7.74
C ALA F 107 13.84 -7.87 6.68
N GLY F 108 13.41 -9.02 7.14
CA GLY F 108 12.76 -10.04 6.27
C GLY F 108 13.64 -11.23 5.90
N GLN F 109 13.12 -12.14 5.09
CA GLN F 109 13.88 -13.35 4.73
C GLN F 109 15.06 -13.07 3.79
N GLN F 110 16.18 -13.70 4.08
CA GLN F 110 17.38 -13.62 3.24
C GLN F 110 17.39 -14.77 2.22
N GLN F 111 16.63 -15.80 2.46
CA GLN F 111 16.60 -17.00 1.60
C GLN F 111 15.14 -17.38 1.40
N ASP F 112 14.83 -17.94 0.24
CA ASP F 112 13.48 -18.35 -0.11
C ASP F 112 13.62 -19.79 -0.57
N ILE F 113 12.76 -20.71 -0.11
CA ILE F 113 12.89 -22.14 -0.38
C ILE F 113 11.57 -22.61 -0.97
N ARG F 114 11.63 -23.58 -1.89
CA ARG F 114 10.40 -24.18 -2.36
C ARG F 114 10.72 -25.62 -2.79
N HIS F 115 9.67 -26.42 -2.94
CA HIS F 115 9.74 -27.73 -3.55
C HIS F 115 9.57 -27.63 -5.06
N CYS F 116 10.13 -28.60 -5.76
CA CYS F 116 10.22 -28.49 -7.20
C CYS F 116 10.36 -29.90 -7.75
N TYR F 117 9.96 -30.05 -9.02
CA TYR F 117 10.32 -31.21 -9.82
C TYR F 117 11.33 -30.76 -10.86
N SER F 118 12.32 -31.60 -11.16
CA SER F 118 13.33 -31.26 -12.14
C SER F 118 12.95 -31.82 -13.50
N ILE F 119 12.80 -30.94 -14.50
CA ILE F 119 12.71 -31.39 -15.91
C ILE F 119 13.93 -30.94 -16.71
N GLN F 120 15.03 -30.59 -16.00
CA GLN F 120 16.27 -30.19 -16.67
C GLN F 120 16.72 -31.30 -17.63
N HIS F 121 16.91 -30.90 -18.87
CA HIS F 121 17.33 -31.74 -19.99
C HIS F 121 16.37 -32.91 -20.25
N CYS F 122 15.11 -32.86 -19.79
CA CYS F 122 14.23 -34.00 -20.06
C CYS F 122 13.57 -33.88 -21.43
N PRO F 123 13.55 -34.99 -22.21
CA PRO F 123 12.74 -35.00 -23.44
C PRO F 123 11.26 -35.00 -23.08
N LEU F 124 10.51 -34.12 -23.74
CA LEU F 124 9.08 -34.04 -23.53
C LEU F 124 8.43 -33.84 -24.88
N LYS F 125 7.20 -34.31 -25.01
CA LYS F 125 6.41 -34.01 -26.20
C LYS F 125 6.20 -32.49 -26.26
N GLY F 126 6.27 -31.94 -27.46
CA GLY F 126 6.16 -30.51 -27.66
C GLY F 126 5.01 -30.17 -28.59
N SER F 127 4.53 -28.91 -28.54
CA SER F 127 3.61 -28.37 -29.53
C SER F 127 3.97 -26.92 -29.78
N TRP F 128 3.75 -26.44 -31.02
CA TRP F 128 4.13 -25.10 -31.42
C TRP F 128 3.15 -24.06 -30.87
N SER F 129 3.68 -23.05 -30.18
CA SER F 129 2.85 -21.97 -29.70
C SER F 129 2.39 -21.12 -30.85
N GLU F 130 1.33 -20.37 -30.62
CA GLU F 130 0.98 -19.30 -31.55
C GLU F 130 2.01 -18.19 -31.39
N TRP F 131 1.97 -17.22 -32.33
CA TRP F 131 2.90 -16.10 -32.31
C TRP F 131 2.80 -15.38 -30.98
N SER F 132 3.96 -15.07 -30.41
CA SER F 132 4.00 -14.12 -29.29
C SER F 132 3.65 -12.73 -29.82
N THR F 133 3.32 -11.83 -28.91
CA THR F 133 3.14 -10.45 -29.32
C THR F 133 4.51 -9.89 -29.68
N TRP F 134 4.50 -8.87 -30.54
CA TRP F 134 5.74 -8.26 -30.99
C TRP F 134 6.52 -7.70 -29.81
N GLY F 135 7.83 -7.80 -29.88
CA GLY F 135 8.72 -7.29 -28.87
C GLY F 135 9.01 -5.82 -29.11
N LEU F 136 9.92 -5.30 -28.29
CA LEU F 136 10.44 -3.96 -28.44
C LEU F 136 11.31 -3.87 -29.68
N CYS F 137 11.38 -2.65 -30.21
CA CYS F 137 12.27 -2.38 -31.32
C CYS F 137 13.69 -2.24 -30.83
N MET F 138 14.60 -3.03 -31.41
CA MET F 138 15.98 -3.07 -30.95
C MET F 138 16.94 -2.94 -32.11
N PRO F 139 18.11 -2.29 -31.90
CA PRO F 139 18.53 -1.39 -30.79
C PRO F 139 17.62 -0.10 -30.73
N PRO F 140 17.22 0.35 -29.53
CA PRO F 140 16.30 1.49 -29.44
C PRO F 140 16.83 2.75 -30.06
N CYS F 141 18.15 2.95 -30.05
CA CYS F 141 18.76 4.16 -30.54
C CYS F 141 19.70 3.93 -31.71
N GLY F 142 19.88 2.67 -32.12
CA GLY F 142 20.88 2.31 -33.11
C GLY F 142 20.30 2.35 -34.50
N PRO F 143 21.13 2.09 -35.52
CA PRO F 143 20.62 2.09 -36.90
C PRO F 143 19.63 0.96 -37.10
N ASN F 144 18.62 1.22 -37.92
CA ASN F 144 17.65 0.25 -38.37
C ASN F 144 17.05 -0.62 -37.29
N PRO F 145 16.35 -0.07 -36.30
CA PRO F 145 15.74 -0.92 -35.27
C PRO F 145 14.70 -1.86 -35.87
N THR F 146 14.65 -3.07 -35.31
CA THR F 146 13.70 -4.08 -35.76
C THR F 146 13.11 -4.75 -34.55
N ARG F 147 11.87 -5.20 -34.72
CA ARG F 147 11.15 -5.92 -33.69
C ARG F 147 10.81 -7.33 -34.21
N ALA F 148 10.56 -8.22 -33.26
CA ALA F 148 10.40 -9.64 -33.53
C ALA F 148 9.28 -10.24 -32.70
N ARG F 149 8.77 -11.35 -33.23
CA ARG F 149 7.86 -12.23 -32.51
C ARG F 149 8.26 -13.65 -32.87
N GLN F 150 7.84 -14.60 -32.06
CA GLN F 150 8.31 -15.99 -32.21
C GLN F 150 7.18 -16.98 -31.98
N ARG F 151 7.29 -18.15 -32.60
CA ARG F 151 6.55 -19.34 -32.19
C ARG F 151 7.58 -20.26 -31.57
N LEU F 152 7.20 -20.89 -30.46
CA LEU F 152 8.11 -21.73 -29.70
C LEU F 152 7.56 -23.14 -29.59
N CYS F 153 8.46 -24.10 -29.65
CA CYS F 153 8.10 -25.50 -29.40
C CYS F 153 7.96 -25.63 -27.88
N THR F 154 6.72 -25.67 -27.41
CA THR F 154 6.39 -25.56 -25.98
C THR F 154 6.22 -26.95 -25.37
N PRO F 155 6.93 -27.29 -24.30
CA PRO F 155 6.80 -28.66 -23.76
C PRO F 155 5.46 -28.88 -23.14
N LEU F 156 4.99 -30.11 -23.23
CA LEU F 156 3.82 -30.58 -22.47
C LEU F 156 4.36 -31.05 -21.13
N LEU F 157 3.96 -30.38 -20.07
CA LEU F 157 4.52 -30.74 -18.76
C LEU F 157 3.92 -32.09 -18.32
N PRO F 158 4.72 -32.94 -17.65
CA PRO F 158 4.13 -34.16 -17.13
C PRO F 158 3.08 -33.83 -16.08
N LYS F 159 2.08 -34.67 -16.06
CA LYS F 159 0.84 -34.37 -15.35
C LYS F 159 0.96 -34.84 -13.89
N TYR F 160 1.93 -34.25 -13.17
CA TYR F 160 2.23 -34.55 -11.78
C TYR F 160 1.35 -33.72 -10.85
N PRO F 161 1.17 -34.13 -9.58
CA PRO F 161 0.36 -33.29 -8.63
C PRO F 161 0.99 -31.93 -8.45
N PRO F 162 0.19 -30.85 -8.40
CA PRO F 162 0.79 -29.53 -8.16
C PRO F 162 1.26 -29.29 -6.73
N THR F 163 0.81 -30.08 -5.75
CA THR F 163 1.19 -29.90 -4.35
C THR F 163 1.43 -31.26 -3.72
N VAL F 164 2.33 -31.30 -2.73
CA VAL F 164 2.73 -32.55 -2.09
C VAL F 164 2.94 -32.28 -0.60
N SER F 165 2.53 -33.25 0.23
CA SER F 165 2.86 -33.28 1.65
C SER F 165 4.06 -34.20 1.82
N MET F 166 5.19 -33.64 2.23
CA MET F 166 6.36 -34.48 2.47
C MET F 166 6.24 -35.25 3.77
N VAL F 167 5.52 -34.69 4.74
CA VAL F 167 5.31 -35.28 6.05
C VAL F 167 3.80 -35.41 6.23
N GLU F 168 3.37 -36.43 6.97
CA GLU F 168 1.93 -36.64 7.17
C GLU F 168 1.31 -35.52 7.99
N GLY F 169 2.00 -35.06 9.04
CA GLY F 169 1.46 -33.95 9.81
C GLY F 169 1.40 -32.66 9.01
N GLN F 170 2.41 -32.43 8.16
CA GLN F 170 2.52 -31.18 7.41
C GLN F 170 1.53 -31.14 6.26
N GLY F 171 1.16 -29.93 5.88
CA GLY F 171 0.24 -29.72 4.77
C GLY F 171 0.94 -29.87 3.43
N GLU F 172 0.21 -29.46 2.38
CA GLU F 172 0.60 -29.66 0.99
C GLU F 172 1.36 -28.44 0.48
N LYS F 173 2.68 -28.57 0.31
CA LYS F 173 3.48 -27.49 -0.24
C LYS F 173 3.33 -27.51 -1.75
N ASN F 174 3.39 -26.34 -2.40
CA ASN F 174 3.39 -26.32 -3.85
C ASN F 174 4.67 -26.99 -4.36
N VAL F 175 4.60 -27.56 -5.57
CA VAL F 175 5.77 -28.09 -6.24
C VAL F 175 5.75 -27.53 -7.64
N THR F 176 6.85 -26.89 -8.05
CA THR F 176 6.92 -26.15 -9.29
C THR F 176 7.93 -26.81 -10.21
N PHE F 177 7.60 -26.88 -11.49
CA PHE F 177 8.57 -27.40 -12.44
C PHE F 177 9.73 -26.44 -12.60
N TRP F 178 10.95 -26.96 -12.59
CA TRP F 178 12.18 -26.23 -12.86
C TRP F 178 13.07 -26.94 -13.85
N GLY F 179 13.73 -26.19 -14.69
CA GLY F 179 14.79 -26.58 -15.60
C GLY F 179 14.33 -26.48 -17.05
N ARG F 180 15.29 -26.52 -17.96
CA ARG F 180 14.99 -26.31 -19.39
C ARG F 180 14.84 -27.70 -19.99
N PRO F 181 13.67 -28.12 -20.38
CA PRO F 181 13.56 -29.47 -20.95
C PRO F 181 13.93 -29.45 -22.44
N LEU F 182 13.72 -30.56 -23.16
CA LEU F 182 14.09 -30.68 -24.58
C LEU F 182 12.79 -31.04 -25.29
N PRO F 183 11.98 -30.06 -25.62
CA PRO F 183 10.69 -30.36 -26.22
C PRO F 183 10.91 -30.84 -27.64
N ARG F 184 10.02 -31.74 -28.05
CA ARG F 184 10.04 -32.44 -29.33
C ARG F 184 8.80 -32.08 -30.14
N CYS F 185 9.01 -31.39 -31.26
CA CYS F 185 7.96 -31.07 -32.21
C CYS F 185 8.43 -31.44 -33.60
N GLU F 186 7.50 -31.67 -34.52
CA GLU F 186 7.87 -31.71 -35.93
C GLU F 186 8.29 -30.30 -36.33
N GLU F 187 9.15 -30.25 -37.33
CA GLU F 187 9.76 -28.98 -37.71
C GLU F 187 8.74 -28.02 -38.29
N LEU F 188 8.94 -26.74 -37.99
CA LEU F 188 8.18 -25.64 -38.57
C LEU F 188 9.16 -24.72 -39.26
N GLN F 189 8.95 -24.50 -40.56
CA GLN F 189 9.82 -23.67 -41.39
C GLN F 189 11.27 -24.14 -41.30
N GLY F 190 11.50 -25.44 -41.18
CA GLY F 190 12.85 -25.95 -41.02
C GLY F 190 13.42 -25.85 -39.62
N GLN F 191 12.65 -25.36 -38.65
CA GLN F 191 13.16 -25.20 -37.30
C GLN F 191 12.50 -26.20 -36.38
N LYS F 192 13.26 -26.74 -35.40
CA LYS F 192 12.70 -27.61 -34.38
C LYS F 192 12.25 -26.91 -33.11
N LEU F 193 12.75 -25.72 -32.80
CA LEU F 193 12.53 -25.13 -31.46
C LEU F 193 11.98 -23.72 -31.46
N VAL F 194 12.44 -22.88 -32.37
CA VAL F 194 11.97 -21.50 -32.42
C VAL F 194 11.88 -21.06 -33.86
N VAL F 195 10.80 -20.40 -34.20
CA VAL F 195 10.72 -19.69 -35.46
C VAL F 195 10.48 -18.22 -35.11
N GLU F 196 11.11 -17.34 -35.83
CA GLU F 196 11.10 -15.92 -35.52
C GLU F 196 10.75 -15.20 -36.80
N GLU F 197 9.95 -14.15 -36.68
CA GLU F 197 9.74 -13.21 -37.75
C GLU F 197 10.21 -11.86 -37.24
N LYS F 198 10.79 -11.05 -38.12
CA LYS F 198 11.32 -9.73 -37.76
C LYS F 198 10.79 -8.69 -38.72
N ARG F 199 10.55 -7.46 -38.23
CA ARG F 199 9.98 -6.36 -39.02
C ARG F 199 10.64 -5.06 -38.59
N PRO F 200 11.05 -4.19 -39.53
CA PRO F 200 11.57 -2.89 -39.11
C PRO F 200 10.51 -2.05 -38.41
N CYS F 201 10.95 -1.27 -37.44
CA CYS F 201 10.14 -0.17 -36.92
C CYS F 201 10.28 1.00 -37.85
N LEU F 202 9.22 1.77 -37.95
CA LEU F 202 9.09 2.84 -38.92
C LEU F 202 9.13 4.20 -38.22
N HIS F 203 9.74 5.17 -38.91
CA HIS F 203 9.80 6.56 -38.45
C HIS F 203 10.35 6.68 -37.05
N VAL F 204 11.50 6.08 -36.85
CA VAL F 204 12.06 6.00 -35.51
C VAL F 204 12.44 7.42 -35.12
N PRO F 205 11.96 7.93 -33.98
CA PRO F 205 12.49 9.19 -33.46
C PRO F 205 13.87 8.92 -32.91
N ALA F 206 14.67 9.98 -32.86
CA ALA F 206 16.00 9.91 -32.25
C ALA F 206 15.93 9.93 -30.73
N CYS F 207 16.94 9.32 -30.12
CA CYS F 207 17.07 9.33 -28.67
C CYS F 207 17.79 10.59 -28.24
N LYS F 208 17.04 11.55 -27.67
CA LYS F 208 17.64 12.78 -27.16
C LYS F 208 17.43 12.86 -25.66
N ASP F 209 18.52 12.98 -24.88
CA ASP F 209 18.38 13.19 -23.44
C ASP F 209 17.72 14.55 -23.25
N PRO F 210 16.65 14.65 -22.43
CA PRO F 210 16.00 15.96 -22.26
C PRO F 210 16.89 17.08 -21.72
N GLU F 211 17.93 16.79 -20.95
CA GLU F 211 18.77 17.85 -20.39
C GLU F 211 19.33 18.82 -21.48
#